data_9HB7
#
_entry.id   9HB7
#
_cell.length_a   101.144
_cell.length_b   94.646
_cell.length_c   88.74
_cell.angle_alpha   90.0
_cell.angle_beta   90.0
_cell.angle_gamma   90.0
#
_symmetry.space_group_name_H-M   'P 21 21 2'
#
loop_
_entity.id
_entity.type
_entity.pdbx_description
1 polymer 'Tryptophan 5-hydroxylase 2'
2 non-polymer 'FE (III) ION'
3 non-polymer 8-(1~{H}-benzimidazol-2-ylmethyl)-3-ethyl-7-(phenylmethyl)purine-2,6-dione
4 water water
#
_entity_poly.entity_id   1
_entity_poly.type   'polypeptide(L)'
_entity_poly.pdbx_seq_one_letter_code
;MKHHHHHHHGAAGTSLYKKAGENLYFQGSLEDVPWFPRKISELDKCSHRVLMYGSELDADHPGFKDNVYRQRRKYFVDVA
MGYKYGQPIPRVEYTEEETKTWGVVFRELSKLYPTHACREYLKNFPLLTKYCGYREDNVPQLEDVSMFLKERSGFTVRPV
AGYLSPRDFLAGLAYRVFHCTQYIRHGSDPLYTPEPDTCHELLGHVPLLADPKFAQFSQEIGLASLGASDEDVQKLATCY
FFTIEFGLCKQEGQLRAYGAGLLSSIGELKHALSDKACVKAFDPKTTCLQECLITTFQEAYFVSESFEEAKEKMRDFAKS
ITRPFSVYFNPYTQSIEILKDTRSIENVVQDLRSDLNTVCDALNKMNQYLGI
;
_entity_poly.pdbx_strand_id   A,B
#
loop_
_chem_comp.id
_chem_comp.type
_chem_comp.name
_chem_comp.formula
FE non-polymer 'FE (III) ION' 'Fe 3'
JCR non-polymer 8-(1~{H}-benzimidazol-2-ylmethyl)-3-ethyl-7-(phenylmethyl)purine-2,6-dione 'C22 H20 N6 O2'
#
# COMPACT_ATOMS: atom_id res chain seq x y z
N GLU A 31 -18.58 -6.02 -21.39
CA GLU A 31 -18.52 -7.29 -20.66
C GLU A 31 -19.81 -7.56 -19.89
N ASP A 32 -20.19 -8.83 -19.84
CA ASP A 32 -21.40 -9.26 -19.15
C ASP A 32 -21.06 -9.73 -17.73
N VAL A 33 -19.77 -9.62 -17.38
CA VAL A 33 -19.26 -10.08 -16.09
C VAL A 33 -19.74 -9.27 -14.87
N PRO A 34 -19.85 -9.92 -13.70
CA PRO A 34 -20.29 -9.27 -12.47
C PRO A 34 -19.34 -8.17 -12.03
N TRP A 35 -19.87 -7.04 -11.59
CA TRP A 35 -19.03 -5.92 -11.17
C TRP A 35 -18.22 -6.25 -9.94
N PHE A 36 -16.96 -5.80 -9.95
CA PHE A 36 -16.09 -5.93 -8.81
C PHE A 36 -15.30 -4.63 -8.68
N PRO A 37 -14.97 -4.24 -7.45
CA PRO A 37 -14.23 -2.98 -7.23
C PRO A 37 -12.87 -3.03 -7.92
N ARG A 38 -12.50 -1.98 -8.64
CA ARG A 38 -11.26 -1.97 -9.39
C ARG A 38 -10.26 -0.97 -8.80
N LYS A 39 -10.71 -0.23 -7.79
CA LYS A 39 -9.83 0.59 -6.94
C LYS A 39 -10.23 0.42 -5.49
N ILE A 40 -9.26 0.60 -4.59
CA ILE A 40 -9.51 0.45 -3.15
C ILE A 40 -10.67 1.32 -2.66
N SER A 41 -10.85 2.49 -3.25
CA SER A 41 -11.92 3.39 -2.83
C SER A 41 -13.29 2.86 -3.24
N GLU A 42 -13.32 2.06 -4.30
CA GLU A 42 -14.57 1.47 -4.79
C GLU A 42 -15.07 0.37 -3.88
N LEU A 43 -14.20 -0.12 -3.01
CA LEU A 43 -14.54 -1.23 -2.11
C LEU A 43 -15.62 -0.83 -1.11
N ASP A 44 -15.83 0.47 -0.94
CA ASP A 44 -16.83 0.95 0.01
C ASP A 44 -18.24 0.50 -0.38
N LYS A 45 -18.47 0.37 -1.69
CA LYS A 45 -19.75 -0.15 -2.18
C LYS A 45 -19.99 -1.56 -1.65
N CYS A 46 -18.93 -2.36 -1.62
CA CYS A 46 -19.02 -3.74 -1.14
C CYS A 46 -19.28 -3.77 0.37
N SER A 47 -18.55 -2.93 1.09
CA SER A 47 -18.63 -2.88 2.54
C SER A 47 -20.04 -2.54 3.03
N HIS A 48 -20.70 -1.64 2.30
CA HIS A 48 -22.01 -1.16 2.71
C HIS A 48 -23.21 -1.93 2.16
N ARG A 49 -22.99 -2.91 1.29
CA ARG A 49 -24.10 -3.77 0.87
C ARG A 49 -24.36 -4.83 1.92
N VAL A 50 -25.01 -4.43 3.01
CA VAL A 50 -25.26 -5.34 4.12
C VAL A 50 -26.58 -6.05 3.92
N LEU A 51 -26.50 -7.38 3.78
CA LEU A 51 -27.71 -8.17 3.57
C LEU A 51 -28.48 -8.43 4.85
N MET A 52 -27.78 -8.43 5.99
CA MET A 52 -28.46 -8.54 7.27
C MET A 52 -27.67 -7.83 8.36
N TYR A 53 -28.24 -6.74 8.88
CA TYR A 53 -27.58 -5.95 9.90
C TYR A 53 -27.48 -6.65 11.26
N GLY A 54 -26.47 -6.25 12.04
CA GLY A 54 -26.26 -6.81 13.36
C GLY A 54 -27.38 -6.47 14.31
N SER A 55 -28.03 -5.33 14.06
CA SER A 55 -29.23 -4.91 14.78
C SER A 55 -30.32 -5.98 14.73
N GLU A 56 -30.32 -6.76 13.65
CA GLU A 56 -31.34 -7.77 13.41
C GLU A 56 -30.97 -9.07 14.07
N LEU A 57 -31.59 -9.37 15.20
CA LEU A 57 -31.27 -10.58 15.95
C LEU A 57 -32.26 -11.69 15.62
N ASP A 58 -31.74 -12.91 15.52
CA ASP A 58 -32.55 -14.04 15.09
C ASP A 58 -33.40 -14.48 16.28
N ALA A 59 -34.41 -15.31 16.02
CA ALA A 59 -35.43 -15.60 17.02
C ALA A 59 -34.89 -16.31 18.25
N ASP A 60 -33.99 -17.26 18.03
CA ASP A 60 -33.41 -18.05 19.11
C ASP A 60 -32.21 -17.36 19.78
N HIS A 61 -31.82 -16.19 19.27
CA HIS A 61 -30.66 -15.45 19.79
C HIS A 61 -30.84 -15.14 21.28
N PRO A 62 -29.75 -15.21 22.06
CA PRO A 62 -29.83 -14.95 23.51
C PRO A 62 -30.17 -13.51 23.86
N GLY A 63 -29.80 -12.56 23.02
CA GLY A 63 -30.06 -11.16 23.29
C GLY A 63 -31.36 -10.67 22.69
N PHE A 64 -32.23 -11.61 22.31
CA PHE A 64 -33.40 -11.29 21.50
C PHE A 64 -34.44 -10.47 22.26
N LYS A 65 -34.52 -10.71 23.58
CA LYS A 65 -35.40 -9.93 24.44
C LYS A 65 -34.67 -8.93 25.34
N ASP A 66 -33.37 -8.75 25.11
CA ASP A 66 -32.60 -7.81 25.92
C ASP A 66 -32.47 -6.51 25.14
N ASN A 67 -33.18 -5.48 25.62
CA ASN A 67 -33.22 -4.22 24.90
C ASN A 67 -32.05 -3.31 25.22
N VAL A 68 -31.33 -3.65 26.29
CA VAL A 68 -30.09 -2.96 26.60
C VAL A 68 -29.01 -3.44 25.64
N TYR A 69 -29.14 -4.70 25.24
CA TYR A 69 -28.18 -5.34 24.36
C TYR A 69 -28.40 -4.81 22.96
N ARG A 70 -29.68 -4.66 22.61
CA ARG A 70 -30.09 -4.19 21.30
C ARG A 70 -29.58 -2.80 20.98
N GLN A 71 -29.54 -1.93 22.00
CA GLN A 71 -29.03 -0.59 21.81
C GLN A 71 -27.57 -0.66 21.39
N ARG A 72 -26.84 -1.54 22.06
CA ARG A 72 -25.43 -1.74 21.74
C ARG A 72 -25.26 -2.25 20.32
N ARG A 73 -26.10 -3.20 19.93
CA ARG A 73 -26.03 -3.73 18.58
C ARG A 73 -26.32 -2.64 17.55
N LYS A 74 -27.33 -1.82 17.83
CA LYS A 74 -27.67 -0.70 16.95
C LYS A 74 -26.55 0.33 16.94
N TYR A 75 -25.94 0.57 18.10
CA TYR A 75 -24.85 1.52 18.20
C TYR A 75 -23.66 1.08 17.34
N PHE A 76 -23.31 -0.20 17.42
CA PHE A 76 -22.20 -0.73 16.64
C PHE A 76 -22.50 -0.69 15.14
N VAL A 77 -23.76 -0.96 14.79
CA VAL A 77 -24.17 -0.92 13.40
C VAL A 77 -24.02 0.49 12.85
N ASP A 78 -24.41 1.46 13.65
CA ASP A 78 -24.33 2.86 13.26
C ASP A 78 -22.89 3.32 13.05
N VAL A 79 -21.99 2.89 13.92
CA VAL A 79 -20.59 3.29 13.83
C VAL A 79 -20.01 2.77 12.53
N ALA A 80 -20.34 1.52 12.21
CA ALA A 80 -19.88 0.89 10.98
C ALA A 80 -20.41 1.58 9.73
N MET A 81 -21.69 1.93 9.74
CA MET A 81 -22.31 2.62 8.61
C MET A 81 -21.70 3.99 8.35
N GLY A 82 -21.15 4.60 9.40
CA GLY A 82 -20.56 5.91 9.27
C GLY A 82 -19.15 5.89 8.70
N TYR A 83 -18.52 4.71 8.70
CA TYR A 83 -17.16 4.61 8.20
C TYR A 83 -17.10 4.67 6.68
N LYS A 84 -16.19 5.49 6.17
CA LYS A 84 -15.87 5.49 4.74
C LYS A 84 -14.36 5.52 4.57
N TYR A 85 -13.90 5.12 3.38
CA TYR A 85 -12.48 5.00 3.08
C TYR A 85 -11.72 6.30 3.33
N GLY A 86 -10.57 6.19 3.99
CA GLY A 86 -9.71 7.34 4.24
C GLY A 86 -9.89 7.93 5.62
N GLN A 87 -10.88 7.41 6.35
CA GLN A 87 -11.15 7.87 7.70
C GLN A 87 -10.53 6.88 8.67
N PRO A 88 -10.07 7.36 9.83
CA PRO A 88 -9.52 6.44 10.83
C PRO A 88 -10.63 5.55 11.33
N ILE A 89 -10.33 4.28 11.60
CA ILE A 89 -11.34 3.38 12.15
C ILE A 89 -11.73 3.86 13.53
N PRO A 90 -13.01 4.18 13.72
CA PRO A 90 -13.47 4.79 14.98
C PRO A 90 -13.19 3.92 16.20
N ARG A 91 -12.76 4.56 17.28
CA ARG A 91 -12.57 3.86 18.53
C ARG A 91 -13.88 3.90 19.29
N VAL A 92 -14.21 2.80 19.96
CA VAL A 92 -15.46 2.72 20.67
C VAL A 92 -15.17 2.34 22.10
N GLU A 93 -15.95 2.86 23.04
CA GLU A 93 -15.71 2.50 24.42
C GLU A 93 -16.67 1.38 24.77
N TYR A 94 -16.10 0.24 25.17
CA TYR A 94 -16.87 -0.94 25.52
C TYR A 94 -17.40 -0.81 26.94
N THR A 95 -18.51 -1.49 27.23
CA THR A 95 -19.08 -1.45 28.56
C THR A 95 -18.36 -2.46 29.43
N GLU A 96 -18.58 -2.39 30.74
CA GLU A 96 -17.90 -3.30 31.66
C GLU A 96 -18.30 -4.76 31.49
N GLU A 97 -19.60 -5.02 31.32
CA GLU A 97 -20.04 -6.40 31.13
C GLU A 97 -19.50 -6.97 29.82
N GLU A 98 -19.38 -6.13 28.79
CA GLU A 98 -18.83 -6.57 27.52
C GLU A 98 -17.37 -6.96 27.73
N THR A 99 -16.67 -6.14 28.50
CA THR A 99 -15.27 -6.39 28.79
C THR A 99 -15.10 -7.70 29.57
N LYS A 100 -15.98 -7.94 30.53
CA LYS A 100 -15.91 -9.18 31.30
C LYS A 100 -16.16 -10.36 30.36
N THR A 101 -17.15 -10.20 29.49
CA THR A 101 -17.50 -11.22 28.50
C THR A 101 -16.28 -11.53 27.64
N TRP A 102 -15.58 -10.49 27.19
CA TRP A 102 -14.37 -10.64 26.40
C TRP A 102 -13.30 -11.33 27.23
N GLY A 103 -13.20 -10.92 28.49
CA GLY A 103 -12.21 -11.47 29.39
C GLY A 103 -12.40 -12.96 29.59
N VAL A 104 -13.66 -13.36 29.75
CA VAL A 104 -13.99 -14.76 29.97
C VAL A 104 -13.57 -15.60 28.77
N VAL A 105 -13.88 -15.10 27.58
CA VAL A 105 -13.50 -15.78 26.35
C VAL A 105 -11.99 -15.81 26.20
N PHE A 106 -11.38 -14.67 26.51
CA PHE A 106 -9.93 -14.52 26.42
C PHE A 106 -9.22 -15.47 27.39
N ARG A 107 -9.72 -15.53 28.61
CA ARG A 107 -9.14 -16.39 29.63
C ARG A 107 -9.23 -17.88 29.32
N GLU A 108 -10.42 -18.34 28.94
CA GLU A 108 -10.62 -19.77 28.66
C GLU A 108 -9.85 -20.27 27.44
N LEU A 109 -9.85 -19.47 26.38
CA LEU A 109 -9.16 -19.84 25.14
C LEU A 109 -7.64 -19.84 25.29
N SER A 110 -7.13 -18.99 26.16
CA SER A 110 -5.69 -18.90 26.39
C SER A 110 -5.15 -20.22 26.90
N LYS A 111 -5.93 -20.89 27.73
CA LYS A 111 -5.53 -22.19 28.28
C LYS A 111 -5.32 -23.25 27.19
N LEU A 112 -6.13 -23.21 26.14
CA LEU A 112 -6.03 -24.20 25.06
C LEU A 112 -5.11 -23.85 23.89
N TYR A 113 -4.59 -22.62 23.87
CA TYR A 113 -3.72 -22.20 22.76
C TYR A 113 -2.31 -22.83 22.76
N PRO A 114 -1.62 -22.88 23.91
CA PRO A 114 -0.31 -23.51 23.92
C PRO A 114 -0.34 -24.91 23.32
N THR A 115 -1.42 -25.64 23.62
CA THR A 115 -1.56 -27.00 23.11
C THR A 115 -2.50 -27.23 21.92
N HIS A 116 -3.28 -26.24 21.49
CA HIS A 116 -4.11 -26.45 20.30
C HIS A 116 -3.78 -25.53 19.11
N ALA A 117 -3.22 -24.35 19.39
CA ALA A 117 -2.91 -23.39 18.34
C ALA A 117 -1.69 -23.76 17.50
N CYS A 118 -1.67 -23.24 16.28
CA CYS A 118 -0.56 -23.42 15.35
C CYS A 118 0.62 -22.53 15.73
N ARG A 119 1.80 -22.83 15.19
CA ARG A 119 3.02 -22.09 15.55
C ARG A 119 2.93 -20.62 15.16
N GLU A 120 2.33 -20.34 14.00
CA GLU A 120 2.16 -18.96 13.54
C GLU A 120 1.31 -18.15 14.52
N TYR A 121 0.32 -18.80 15.10
CA TYR A 121 -0.57 -18.14 16.04
C TYR A 121 0.19 -17.76 17.30
N LEU A 122 0.97 -18.74 17.80
CA LEU A 122 1.73 -18.60 19.03
C LEU A 122 2.76 -17.49 18.98
N LYS A 123 3.45 -17.36 17.85
CA LYS A 123 4.47 -16.31 17.70
C LYS A 123 3.85 -14.91 17.75
N ASN A 124 2.77 -14.73 17.01
CA ASN A 124 2.09 -13.43 16.91
C ASN A 124 1.36 -12.95 18.16
N PHE A 125 0.69 -13.87 18.85
CA PHE A 125 -0.17 -13.50 19.97
C PHE A 125 0.49 -12.61 21.05
N PRO A 126 1.75 -12.90 21.46
CA PRO A 126 2.40 -12.00 22.42
C PRO A 126 2.62 -10.59 21.88
N LEU A 127 2.88 -10.48 20.58
CA LEU A 127 3.03 -9.18 19.92
C LEU A 127 1.74 -8.36 20.05
N LEU A 128 0.61 -9.06 19.97
CA LEU A 128 -0.67 -8.39 20.09
C LEU A 128 -0.91 -7.89 21.51
N THR A 129 -0.40 -8.63 22.49
CA THR A 129 -0.51 -8.21 23.87
C THR A 129 0.28 -6.92 24.09
N LYS A 130 1.44 -6.84 23.44
CA LYS A 130 2.33 -5.71 23.63
C LYS A 130 1.89 -4.45 22.87
N TYR A 131 1.33 -4.63 21.68
CA TYR A 131 1.06 -3.49 20.81
C TYR A 131 -0.42 -3.16 20.60
N CYS A 132 -1.28 -4.16 20.72
CA CYS A 132 -2.72 -3.94 20.52
C CYS A 132 -3.54 -4.01 21.81
N GLY A 133 -2.89 -4.06 22.96
CA GLY A 133 -3.61 -4.15 24.21
C GLY A 133 -4.43 -5.41 24.34
N TYR A 134 -3.88 -6.52 23.85
CA TYR A 134 -4.60 -7.78 23.89
C TYR A 134 -4.46 -8.40 25.27
N ARG A 135 -5.27 -7.96 26.23
CA ARG A 135 -5.22 -8.52 27.57
C ARG A 135 -6.63 -8.80 28.08
N GLU A 136 -6.72 -9.55 29.17
CA GLU A 136 -8.00 -9.96 29.73
C GLU A 136 -8.94 -8.82 30.15
N ASP A 137 -8.38 -7.72 30.66
CA ASP A 137 -9.20 -6.60 31.12
C ASP A 137 -9.38 -5.47 30.10
N ASN A 138 -8.87 -5.66 28.88
CA ASN A 138 -9.00 -4.64 27.85
C ASN A 138 -9.49 -5.21 26.54
N VAL A 139 -10.27 -4.43 25.79
CA VAL A 139 -10.73 -4.90 24.49
C VAL A 139 -10.02 -4.06 23.45
N PRO A 140 -9.34 -4.71 22.50
CA PRO A 140 -8.55 -4.04 21.48
C PRO A 140 -9.40 -3.21 20.51
N GLN A 141 -8.82 -2.13 20.01
CA GLN A 141 -9.50 -1.27 19.06
C GLN A 141 -9.08 -1.61 17.63
N LEU A 142 -10.04 -1.68 16.72
CA LEU A 142 -9.78 -2.10 15.35
C LEU A 142 -8.71 -1.23 14.70
N GLU A 143 -8.72 0.05 15.04
CA GLU A 143 -7.74 1.01 14.52
C GLU A 143 -6.33 0.61 14.92
N ASP A 144 -6.17 0.12 16.16
CA ASP A 144 -4.88 -0.38 16.64
C ASP A 144 -4.46 -1.60 15.85
N VAL A 145 -5.38 -2.55 15.77
CA VAL A 145 -5.13 -3.81 15.09
C VAL A 145 -4.81 -3.61 13.61
N SER A 146 -5.50 -2.66 12.98
CA SER A 146 -5.31 -2.40 11.58
C SER A 146 -3.89 -1.90 11.27
N MET A 147 -3.40 -0.96 12.08
CA MET A 147 -2.06 -0.42 11.87
C MET A 147 -1.01 -1.48 12.19
N PHE A 148 -1.34 -2.37 13.12
CA PHE A 148 -0.46 -3.47 13.46
C PHE A 148 -0.35 -4.40 12.27
N LEU A 149 -1.49 -4.72 11.69
CA LEU A 149 -1.56 -5.67 10.58
C LEU A 149 -0.93 -5.09 9.32
N LYS A 150 -1.12 -3.79 9.12
CA LYS A 150 -0.64 -3.15 7.90
C LYS A 150 0.88 -3.13 7.84
N GLU A 151 1.51 -2.94 9.00
CA GLU A 151 2.98 -2.94 9.08
C GLU A 151 3.59 -4.31 8.91
N ARG A 152 2.94 -5.33 9.44
CA ARG A 152 3.47 -6.68 9.41
C ARG A 152 3.05 -7.54 8.21
N SER A 153 1.83 -7.37 7.70
CA SER A 153 1.41 -8.19 6.55
C SER A 153 0.61 -7.44 5.49
N GLY A 154 0.36 -6.15 5.70
CA GLY A 154 -0.32 -5.36 4.69
C GLY A 154 -1.83 -5.39 4.80
N PHE A 155 -2.36 -6.26 5.66
CA PHE A 155 -3.79 -6.30 5.87
C PHE A 155 -4.26 -5.11 6.67
N THR A 156 -5.54 -4.76 6.48
CA THR A 156 -6.24 -3.77 7.30
C THR A 156 -7.61 -4.32 7.63
N VAL A 157 -8.20 -3.81 8.71
CA VAL A 157 -9.57 -4.22 9.07
C VAL A 157 -10.57 -3.10 8.81
N ARG A 158 -11.81 -3.48 8.54
CA ARG A 158 -12.91 -2.52 8.45
C ARG A 158 -14.08 -2.97 9.32
N PRO A 159 -14.68 -2.02 10.05
CA PRO A 159 -15.87 -2.41 10.80
C PRO A 159 -16.99 -2.69 9.80
N VAL A 160 -17.73 -3.76 9.99
CA VAL A 160 -18.77 -4.10 9.03
C VAL A 160 -20.11 -4.08 9.78
N ALA A 161 -21.12 -3.44 9.19
CA ALA A 161 -22.43 -3.32 9.84
C ALA A 161 -23.15 -4.65 9.98
N GLY A 162 -22.79 -5.63 9.15
CA GLY A 162 -23.48 -6.91 9.19
C GLY A 162 -23.02 -7.86 8.10
N TYR A 163 -23.80 -8.91 7.88
CA TYR A 163 -23.49 -9.93 6.89
C TYR A 163 -23.45 -9.38 5.47
N LEU A 164 -22.42 -9.77 4.72
CA LEU A 164 -22.25 -9.32 3.34
C LEU A 164 -22.46 -10.48 2.38
N SER A 165 -22.71 -10.18 1.10
CA SER A 165 -22.69 -11.23 0.09
C SER A 165 -21.30 -11.83 0.06
N PRO A 166 -21.19 -13.14 -0.18
CA PRO A 166 -19.86 -13.75 -0.29
C PRO A 166 -19.02 -13.09 -1.37
N ARG A 167 -19.65 -12.59 -2.42
CA ARG A 167 -18.95 -11.83 -3.45
C ARG A 167 -18.31 -10.57 -2.86
N ASP A 168 -19.09 -9.81 -2.11
CA ASP A 168 -18.61 -8.55 -1.54
C ASP A 168 -17.59 -8.75 -0.42
N PHE A 169 -17.78 -9.81 0.38
CA PHE A 169 -16.83 -10.13 1.44
C PHE A 169 -15.47 -10.51 0.88
N LEU A 170 -15.48 -11.42 -0.10
CA LEU A 170 -14.24 -11.88 -0.72
C LEU A 170 -13.57 -10.77 -1.51
N ALA A 171 -14.36 -9.81 -1.98
CA ALA A 171 -13.83 -8.67 -2.70
C ALA A 171 -12.84 -7.92 -1.83
N GLY A 172 -13.16 -7.82 -0.54
CA GLY A 172 -12.30 -7.17 0.42
C GLY A 172 -10.95 -7.86 0.55
N LEU A 173 -10.97 -9.19 0.52
CA LEU A 173 -9.74 -9.96 0.65
C LEU A 173 -8.76 -9.70 -0.49
N ALA A 174 -9.31 -9.44 -1.67
CA ALA A 174 -8.50 -9.11 -2.84
C ALA A 174 -7.62 -7.88 -2.57
N TYR A 175 -8.10 -7.00 -1.71
CA TYR A 175 -7.36 -5.80 -1.34
C TYR A 175 -6.66 -5.96 0.00
N ARG A 176 -6.65 -7.19 0.51
CA ARG A 176 -6.16 -7.49 1.85
C ARG A 176 -6.87 -6.63 2.87
N VAL A 177 -8.19 -6.58 2.74
CA VAL A 177 -9.03 -5.89 3.71
C VAL A 177 -10.00 -6.88 4.32
N PHE A 178 -9.93 -7.04 5.64
CA PHE A 178 -10.82 -7.96 6.34
C PHE A 178 -11.92 -7.17 7.05
N HIS A 179 -13.16 -7.55 6.79
CA HIS A 179 -14.30 -6.89 7.43
C HIS A 179 -14.57 -7.51 8.80
N CYS A 180 -14.62 -6.68 9.82
CA CYS A 180 -14.76 -7.15 11.19
C CYS A 180 -16.01 -6.62 11.89
N THR A 181 -16.64 -7.50 12.66
CA THR A 181 -17.71 -7.09 13.56
C THR A 181 -17.06 -6.42 14.76
N GLN A 182 -17.71 -5.41 15.30
CA GLN A 182 -17.13 -4.61 16.36
C GLN A 182 -17.90 -4.81 17.68
N TYR A 183 -19.02 -5.52 17.60
CA TYR A 183 -19.84 -5.84 18.78
C TYR A 183 -19.40 -7.09 19.54
N ILE A 184 -19.77 -7.16 20.81
CA ILE A 184 -19.50 -8.32 21.67
C ILE A 184 -20.72 -9.24 21.76
N ARG A 185 -20.48 -10.55 21.85
CA ARG A 185 -21.55 -11.53 22.02
C ARG A 185 -22.30 -11.28 23.33
N HIS A 186 -23.51 -11.81 23.42
CA HIS A 186 -24.32 -11.61 24.62
C HIS A 186 -23.61 -12.15 25.86
N GLY A 187 -23.70 -11.40 26.95
CA GLY A 187 -23.06 -11.80 28.20
C GLY A 187 -23.67 -13.02 28.87
N SER A 188 -24.86 -13.42 28.41
CA SER A 188 -25.56 -14.58 28.95
C SER A 188 -24.67 -15.82 28.96
N ASP A 189 -24.13 -16.16 27.81
CA ASP A 189 -23.20 -17.29 27.73
C ASP A 189 -22.03 -16.92 26.83
N PRO A 190 -20.88 -16.55 27.43
CA PRO A 190 -19.68 -16.11 26.73
C PRO A 190 -19.05 -17.19 25.86
N LEU A 191 -19.09 -18.43 26.32
CA LEU A 191 -18.45 -19.52 25.59
C LEU A 191 -19.11 -19.80 24.25
N TYR A 192 -20.44 -19.64 24.21
CA TYR A 192 -21.20 -19.89 22.99
C TYR A 192 -21.58 -18.64 22.21
N THR A 193 -21.46 -18.72 20.89
CA THR A 193 -21.95 -17.67 20.00
C THR A 193 -22.35 -18.26 18.66
N PRO A 194 -23.56 -17.92 18.20
CA PRO A 194 -24.05 -18.37 16.89
C PRO A 194 -23.66 -17.40 15.80
N GLU A 195 -23.04 -16.30 16.22
CA GLU A 195 -22.71 -15.21 15.33
C GLU A 195 -21.27 -14.78 15.49
N PRO A 196 -20.68 -14.28 14.40
CA PRO A 196 -19.32 -13.74 14.49
C PRO A 196 -19.34 -12.47 15.36
N ASP A 197 -18.38 -12.33 16.27
CA ASP A 197 -18.33 -11.11 17.06
C ASP A 197 -16.88 -10.62 17.12
N THR A 198 -16.65 -9.50 17.78
CA THR A 198 -15.30 -8.95 17.86
C THR A 198 -14.34 -9.93 18.55
N CYS A 199 -14.82 -10.73 19.49
CA CYS A 199 -13.97 -11.76 20.10
C CYS A 199 -13.47 -12.74 19.06
N HIS A 200 -14.37 -13.14 18.17
CA HIS A 200 -14.01 -14.04 17.07
C HIS A 200 -13.03 -13.37 16.12
N GLU A 201 -13.24 -12.08 15.90
CA GLU A 201 -12.41 -11.33 14.98
C GLU A 201 -11.00 -11.13 15.55
N LEU A 202 -10.94 -10.70 16.81
CA LEU A 202 -9.68 -10.47 17.51
C LEU A 202 -8.87 -11.70 17.90
N LEU A 203 -9.52 -12.76 18.35
CA LEU A 203 -8.80 -13.91 18.86
C LEU A 203 -8.71 -15.02 17.84
N GLY A 204 -9.65 -15.03 16.89
CA GLY A 204 -9.67 -16.05 15.87
C GLY A 204 -8.95 -15.68 14.60
N HIS A 205 -9.25 -14.51 14.06
CA HIS A 205 -8.75 -14.09 12.75
C HIS A 205 -7.44 -13.30 12.79
N VAL A 206 -7.41 -12.22 13.57
CA VAL A 206 -6.28 -11.27 13.52
C VAL A 206 -4.87 -11.87 13.69
N PRO A 207 -4.63 -12.69 14.73
CA PRO A 207 -3.29 -13.27 14.93
C PRO A 207 -2.68 -13.89 13.68
N LEU A 208 -3.48 -14.67 12.95
CA LEU A 208 -2.99 -15.35 11.77
C LEU A 208 -3.00 -14.49 10.52
N LEU A 209 -3.70 -13.36 10.56
CA LEU A 209 -3.69 -12.45 9.42
C LEU A 209 -2.33 -11.76 9.37
N ALA A 210 -1.73 -11.60 10.54
CA ALA A 210 -0.41 -10.97 10.63
C ALA A 210 0.65 -11.74 9.84
N ASP A 211 0.51 -13.05 9.75
CA ASP A 211 1.46 -13.87 9.00
C ASP A 211 1.47 -13.52 7.50
N PRO A 212 2.61 -13.00 7.00
CA PRO A 212 2.77 -12.60 5.59
C PRO A 212 2.35 -13.68 4.59
N LYS A 213 2.61 -14.94 4.93
CA LYS A 213 2.28 -16.04 4.02
C LYS A 213 0.81 -16.38 4.08
N PHE A 214 0.23 -16.33 5.27
CA PHE A 214 -1.22 -16.51 5.44
C PHE A 214 -1.96 -15.39 4.73
N ALA A 215 -1.41 -14.19 4.80
CA ALA A 215 -1.98 -13.01 4.16
C ALA A 215 -2.06 -13.19 2.64
N GLN A 216 -0.99 -13.69 2.04
CA GLN A 216 -0.96 -13.90 0.60
C GLN A 216 -2.00 -14.94 0.23
N PHE A 217 -2.12 -15.95 1.07
CA PHE A 217 -3.09 -17.01 0.87
C PHE A 217 -4.51 -16.45 0.87
N SER A 218 -4.82 -15.60 1.85
CA SER A 218 -6.13 -14.99 1.93
C SER A 218 -6.44 -14.15 0.71
N GLN A 219 -5.49 -13.33 0.30
CA GLN A 219 -5.68 -12.45 -0.85
C GLN A 219 -5.95 -13.24 -2.13
N GLU A 220 -5.33 -14.43 -2.26
CA GLU A 220 -5.55 -15.27 -3.43
C GLU A 220 -7.00 -15.69 -3.58
N ILE A 221 -7.65 -15.98 -2.46
CA ILE A 221 -9.05 -16.37 -2.50
C ILE A 221 -9.88 -15.19 -2.99
N GLY A 222 -9.57 -14.01 -2.46
CA GLY A 222 -10.25 -12.79 -2.86
C GLY A 222 -10.10 -12.49 -4.33
N LEU A 223 -8.87 -12.51 -4.82
CA LEU A 223 -8.59 -12.21 -6.22
C LEU A 223 -9.31 -13.16 -7.15
N ALA A 224 -9.40 -14.42 -6.75
CA ALA A 224 -10.06 -15.45 -7.53
C ALA A 224 -11.54 -15.16 -7.75
N SER A 225 -12.16 -14.51 -6.77
CA SER A 225 -13.59 -14.28 -6.83
C SER A 225 -13.95 -13.17 -7.81
N LEU A 226 -13.01 -12.27 -8.06
CA LEU A 226 -13.28 -11.06 -8.83
C LEU A 226 -13.81 -11.34 -10.23
N GLY A 227 -15.06 -10.95 -10.45
CA GLY A 227 -15.70 -11.13 -11.75
C GLY A 227 -16.11 -12.56 -12.05
N ALA A 228 -16.05 -13.42 -11.05
CA ALA A 228 -16.46 -14.82 -11.22
C ALA A 228 -17.96 -15.01 -11.10
N SER A 229 -18.43 -16.17 -11.55
CA SER A 229 -19.83 -16.57 -11.40
C SER A 229 -20.21 -16.81 -9.94
N ASP A 230 -21.50 -16.70 -9.64
CA ASP A 230 -21.98 -16.94 -8.29
C ASP A 230 -21.59 -18.32 -7.78
N GLU A 231 -21.69 -19.32 -8.65
CA GLU A 231 -21.35 -20.69 -8.28
C GLU A 231 -19.87 -20.83 -7.93
N ASP A 232 -19.02 -20.18 -8.72
CA ASP A 232 -17.59 -20.15 -8.42
C ASP A 232 -17.32 -19.40 -7.12
N VAL A 233 -18.00 -18.28 -6.91
CA VAL A 233 -17.85 -17.49 -5.69
C VAL A 233 -18.14 -18.33 -4.46
N GLN A 234 -19.20 -19.13 -4.53
CA GLN A 234 -19.59 -19.90 -3.36
C GLN A 234 -18.76 -21.17 -3.25
N LYS A 235 -18.11 -21.58 -4.33
CA LYS A 235 -17.07 -22.60 -4.23
C LYS A 235 -15.94 -22.04 -3.37
N LEU A 236 -15.57 -20.80 -3.68
CA LEU A 236 -14.51 -20.12 -2.96
C LEU A 236 -14.91 -19.84 -1.51
N ALA A 237 -16.18 -19.51 -1.30
CA ALA A 237 -16.69 -19.24 0.04
C ALA A 237 -16.60 -20.50 0.89
N THR A 238 -16.91 -21.64 0.29
CA THR A 238 -16.80 -22.93 0.98
C THR A 238 -15.34 -23.22 1.31
N CYS A 239 -14.46 -22.92 0.36
CA CYS A 239 -13.04 -23.14 0.55
C CYS A 239 -12.55 -22.28 1.70
N TYR A 240 -12.99 -21.03 1.71
CA TYR A 240 -12.62 -20.09 2.75
C TYR A 240 -13.07 -20.61 4.11
N PHE A 241 -14.28 -21.17 4.13
CA PHE A 241 -14.89 -21.65 5.36
C PHE A 241 -14.06 -22.79 5.97
N PHE A 242 -13.63 -23.72 5.13
CA PHE A 242 -12.90 -24.89 5.59
C PHE A 242 -11.40 -24.64 5.76
N THR A 243 -10.95 -23.45 5.37
CA THR A 243 -9.55 -23.10 5.54
C THR A 243 -9.38 -22.04 6.61
N ILE A 244 -9.79 -20.82 6.28
CA ILE A 244 -9.64 -19.70 7.20
C ILE A 244 -10.46 -19.88 8.48
N GLU A 245 -11.73 -20.20 8.32
CA GLU A 245 -12.62 -20.43 9.46
C GLU A 245 -12.37 -21.73 10.23
N PHE A 246 -12.19 -22.85 9.52
CA PHE A 246 -11.92 -24.12 10.19
C PHE A 246 -10.79 -24.91 9.56
N GLY A 247 -9.57 -24.40 9.72
CA GLY A 247 -8.41 -25.02 9.12
C GLY A 247 -7.40 -25.58 10.10
N LEU A 248 -6.88 -26.75 9.76
CA LEU A 248 -5.88 -27.43 10.57
C LEU A 248 -4.58 -27.55 9.78
N CYS A 249 -3.44 -27.27 10.41
CA CYS A 249 -2.18 -27.38 9.68
C CYS A 249 -1.20 -28.22 10.47
N LYS A 250 -0.37 -28.99 9.78
CA LYS A 250 0.61 -29.82 10.46
C LYS A 250 1.92 -29.06 10.60
N GLN A 251 2.30 -28.75 11.83
CA GLN A 251 3.55 -28.03 12.03
C GLN A 251 4.52 -28.91 12.83
N GLU A 252 5.73 -29.05 12.29
CA GLU A 252 6.79 -29.84 12.91
C GLU A 252 6.32 -31.27 13.21
N GLY A 253 5.56 -31.85 12.28
CA GLY A 253 5.07 -33.21 12.47
C GLY A 253 3.89 -33.42 13.41
N GLN A 254 3.27 -32.34 13.85
CA GLN A 254 2.12 -32.42 14.76
C GLN A 254 0.95 -31.62 14.22
N LEU A 255 -0.25 -31.97 14.65
CA LEU A 255 -1.48 -31.33 14.17
C LEU A 255 -1.88 -30.14 15.03
N ARG A 256 -2.08 -29.00 14.38
CA ARG A 256 -2.46 -27.78 15.07
C ARG A 256 -3.56 -27.07 14.31
N ALA A 257 -4.31 -26.20 15.00
CA ALA A 257 -5.42 -25.50 14.36
C ALA A 257 -5.08 -24.06 13.99
N TYR A 258 -5.50 -23.63 12.81
CA TYR A 258 -5.31 -22.25 12.38
C TYR A 258 -6.64 -21.62 11.98
N GLY A 259 -7.69 -22.42 11.89
CA GLY A 259 -8.99 -21.88 11.53
C GLY A 259 -9.51 -20.95 12.61
N ALA A 260 -10.03 -19.80 12.21
CA ALA A 260 -10.52 -18.80 13.16
C ALA A 260 -11.70 -19.30 13.99
N GLY A 261 -12.58 -20.08 13.36
CA GLY A 261 -13.74 -20.62 14.04
C GLY A 261 -13.29 -21.54 15.16
N LEU A 262 -12.29 -22.37 14.87
CA LEU A 262 -11.75 -23.27 15.87
C LEU A 262 -11.15 -22.53 17.04
N LEU A 263 -10.41 -21.46 16.75
CA LEU A 263 -9.76 -20.66 17.79
C LEU A 263 -10.80 -20.03 18.73
N SER A 264 -11.89 -19.54 18.16
CA SER A 264 -12.96 -18.93 18.95
C SER A 264 -13.75 -19.93 19.81
N SER A 265 -14.00 -21.12 19.27
CA SER A 265 -14.81 -22.11 19.98
C SER A 265 -14.02 -23.17 20.71
N ILE A 266 -14.01 -23.11 22.04
CA ILE A 266 -13.30 -24.10 22.86
C ILE A 266 -13.79 -25.53 22.66
N GLY A 267 -15.11 -25.71 22.61
CA GLY A 267 -15.67 -27.04 22.48
C GLY A 267 -15.29 -27.70 21.18
N GLU A 268 -15.40 -26.96 20.09
CA GLU A 268 -15.02 -27.48 18.80
C GLU A 268 -13.50 -27.64 18.68
N LEU A 269 -12.76 -26.69 19.26
CA LEU A 269 -11.30 -26.71 19.13
C LEU A 269 -10.70 -27.96 19.74
N LYS A 270 -11.21 -28.36 20.91
CA LYS A 270 -10.86 -29.64 21.51
C LYS A 270 -11.04 -30.79 20.54
N HIS A 271 -12.24 -30.88 19.99
CA HIS A 271 -12.64 -31.96 19.08
C HIS A 271 -11.82 -32.01 17.79
N ALA A 272 -11.52 -30.85 17.23
CA ALA A 272 -10.79 -30.77 15.97
C ALA A 272 -9.47 -31.55 15.99
N LEU A 273 -8.76 -31.44 17.10
CA LEU A 273 -7.48 -32.10 17.27
C LEU A 273 -7.57 -33.43 18.04
N SER A 274 -8.79 -33.79 18.44
CA SER A 274 -9.00 -35.02 19.22
C SER A 274 -8.95 -36.30 18.39
N ASP A 275 -9.04 -37.43 19.10
CA ASP A 275 -8.99 -38.78 18.52
C ASP A 275 -9.84 -38.97 17.27
N LYS A 276 -11.14 -38.70 17.38
CA LYS A 276 -12.07 -38.93 16.28
C LYS A 276 -13.18 -37.90 16.27
N CYS A 278 -12.55 -36.69 12.06
CA CYS A 278 -12.09 -37.13 10.75
C CYS A 278 -11.37 -36.00 10.01
N VAL A 279 -10.13 -36.27 9.61
CA VAL A 279 -9.30 -35.27 8.95
C VAL A 279 -8.99 -35.63 7.49
N LYS A 280 -8.98 -34.63 6.62
CA LYS A 280 -8.67 -34.84 5.22
C LYS A 280 -7.66 -33.79 4.75
N ALA A 281 -6.85 -34.12 3.75
CA ALA A 281 -5.88 -33.17 3.22
C ALA A 281 -6.61 -32.04 2.50
N PHE A 282 -6.07 -30.83 2.55
CA PHE A 282 -6.76 -29.71 1.90
C PHE A 282 -6.52 -29.71 0.40
N ASP A 283 -7.60 -29.95 -0.33
CA ASP A 283 -7.59 -29.91 -1.79
C ASP A 283 -8.78 -29.05 -2.20
N PRO A 284 -8.53 -27.98 -2.96
CA PRO A 284 -9.59 -27.04 -3.37
C PRO A 284 -10.73 -27.72 -4.11
N LYS A 285 -10.42 -28.48 -5.16
CA LYS A 285 -11.45 -29.08 -5.99
C LYS A 285 -12.33 -30.01 -5.15
N THR A 286 -11.72 -30.81 -4.28
CA THR A 286 -12.46 -31.70 -3.38
C THR A 286 -13.27 -30.95 -2.31
N THR A 287 -12.62 -29.96 -1.68
CA THR A 287 -13.20 -29.22 -0.55
C THR A 287 -14.44 -28.36 -0.83
N CYS A 288 -14.47 -27.73 -1.99
CA CYS A 288 -15.57 -26.82 -2.33
C CYS A 288 -16.93 -27.53 -2.34
N LEU A 289 -16.92 -28.81 -2.69
CA LEU A 289 -18.14 -29.61 -2.76
C LEU A 289 -18.88 -29.73 -1.43
N GLN A 290 -18.14 -29.84 -0.33
CA GLN A 290 -18.72 -30.03 1.00
C GLN A 290 -19.66 -28.90 1.45
N GLU A 291 -20.54 -29.22 2.39
CA GLU A 291 -21.52 -28.29 2.93
C GLU A 291 -21.06 -27.68 4.26
N CYS A 292 -21.32 -26.38 4.43
CA CYS A 292 -20.98 -25.65 5.64
C CYS A 292 -22.09 -25.64 6.71
N LEU A 293 -21.79 -26.13 7.92
CA LEU A 293 -22.80 -26.19 8.98
C LEU A 293 -22.52 -25.18 10.12
N ILE A 294 -23.48 -24.31 10.40
CA ILE A 294 -23.35 -23.33 11.48
C ILE A 294 -23.43 -23.85 12.93
N THR A 295 -24.39 -24.74 13.18
CA THR A 295 -24.63 -25.31 14.53
C THR A 295 -23.78 -26.52 14.88
N THR A 296 -23.72 -27.45 13.94
CA THR A 296 -23.10 -28.75 14.13
C THR A 296 -21.58 -28.69 14.02
N PHE A 297 -20.91 -29.61 14.71
CA PHE A 297 -19.48 -29.75 14.60
C PHE A 297 -19.27 -30.15 13.15
N GLN A 298 -18.26 -29.58 12.50
CA GLN A 298 -18.03 -29.85 11.08
C GLN A 298 -17.75 -31.33 10.79
N GLU A 299 -18.23 -31.78 9.64
CA GLU A 299 -18.09 -33.19 9.22
C GLU A 299 -16.63 -33.61 9.09
N ALA A 300 -15.82 -32.74 8.50
CA ALA A 300 -14.41 -33.02 8.32
C ALA A 300 -13.60 -31.74 8.42
N TYR A 301 -12.32 -31.88 8.76
CA TYR A 301 -11.42 -30.74 8.87
C TYR A 301 -10.24 -30.92 7.92
N PHE A 302 -10.01 -29.94 7.07
CA PHE A 302 -8.92 -30.04 6.10
C PHE A 302 -7.57 -29.55 6.59
N VAL A 303 -6.51 -30.08 5.99
CA VAL A 303 -5.13 -29.78 6.39
C VAL A 303 -4.18 -29.37 5.26
N SER A 304 -3.38 -28.35 5.55
CA SER A 304 -2.33 -27.87 4.66
C SER A 304 -0.99 -27.97 5.41
N GLU A 305 0.05 -28.42 4.71
CA GLU A 305 1.38 -28.51 5.32
C GLU A 305 1.83 -27.10 5.70
N SER A 306 1.51 -26.14 4.84
CA SER A 306 1.85 -24.75 5.07
C SER A 306 0.88 -23.83 4.33
N PHE A 307 1.00 -22.53 4.59
CA PHE A 307 0.17 -21.53 3.94
C PHE A 307 0.71 -21.23 2.54
N GLU A 308 2.02 -21.43 2.37
CA GLU A 308 2.62 -21.33 1.04
C GLU A 308 2.07 -22.45 0.15
N GLU A 309 1.72 -23.59 0.77
CA GLU A 309 1.07 -24.67 0.05
C GLU A 309 -0.37 -24.35 -0.32
N ALA A 310 -1.07 -23.74 0.64
CA ALA A 310 -2.47 -23.39 0.43
C ALA A 310 -2.59 -22.30 -0.62
N LYS A 311 -1.63 -21.39 -0.64
CA LYS A 311 -1.61 -20.29 -1.58
C LYS A 311 -1.39 -20.80 -3.00
N GLU A 312 -0.53 -21.81 -3.14
CA GLU A 312 -0.23 -22.35 -4.46
C GLU A 312 -1.27 -23.38 -4.89
N LYS A 313 -1.91 -24.05 -3.95
CA LYS A 313 -3.09 -24.85 -4.27
C LYS A 313 -4.30 -23.98 -4.60
N MET A 314 -4.30 -22.75 -4.13
CA MET A 314 -5.35 -21.81 -4.50
C MET A 314 -5.10 -21.16 -5.86
N ARG A 315 -3.85 -20.83 -6.14
CA ARG A 315 -3.54 -20.07 -7.36
C ARG A 315 -3.70 -20.95 -8.60
N ASP A 316 -3.59 -22.27 -8.42
CA ASP A 316 -3.88 -23.17 -9.53
C ASP A 316 -5.39 -23.35 -9.70
N PHE A 317 -6.11 -23.31 -8.59
CA PHE A 317 -7.56 -23.43 -8.62
C PHE A 317 -8.17 -22.20 -9.28
N ALA A 318 -7.50 -21.07 -9.07
CA ALA A 318 -7.93 -19.78 -9.59
C ALA A 318 -7.85 -19.72 -11.11
N LYS A 319 -6.92 -20.49 -11.67
CA LYS A 319 -6.80 -20.60 -13.12
C LYS A 319 -8.04 -21.28 -13.72
N SER A 320 -8.50 -22.34 -13.06
CA SER A 320 -9.66 -23.10 -13.50
C SER A 320 -10.97 -22.31 -13.43
N ILE A 321 -10.97 -21.24 -12.65
CA ILE A 321 -12.15 -20.38 -12.53
C ILE A 321 -12.44 -19.65 -13.84
N THR A 322 -13.69 -19.68 -14.28
CA THR A 322 -14.10 -19.07 -15.53
C THR A 322 -14.25 -17.55 -15.47
N ARG A 323 -13.42 -16.85 -16.24
CA ARG A 323 -13.58 -15.41 -16.44
C ARG A 323 -12.73 -14.99 -17.64
N PRO A 324 -13.13 -13.93 -18.37
CA PRO A 324 -12.48 -13.52 -19.61
C PRO A 324 -11.09 -12.91 -19.44
N PHE A 325 -10.64 -12.79 -18.21
CA PHE A 325 -9.39 -12.11 -17.92
C PHE A 325 -8.69 -12.73 -16.73
N SER A 326 -7.42 -12.38 -16.53
CA SER A 326 -6.77 -12.65 -15.26
C SER A 326 -6.59 -11.33 -14.51
N VAL A 327 -6.42 -11.39 -13.19
CA VAL A 327 -6.25 -10.15 -12.43
C VAL A 327 -4.89 -10.09 -11.72
N TYR A 328 -4.26 -8.93 -11.83
CA TYR A 328 -3.01 -8.65 -11.15
C TYR A 328 -3.25 -7.53 -10.15
N PHE A 329 -2.77 -7.69 -8.93
CA PHE A 329 -3.02 -6.70 -7.91
C PHE A 329 -1.86 -5.72 -7.83
N ASN A 330 -2.17 -4.45 -7.96
CA ASN A 330 -1.18 -3.39 -7.89
C ASN A 330 -1.18 -2.77 -6.50
N PRO A 331 -0.23 -3.16 -5.65
CA PRO A 331 -0.20 -2.68 -4.27
C PRO A 331 0.24 -1.21 -4.19
N TYR A 332 0.82 -0.69 -5.26
CA TYR A 332 1.27 0.70 -5.27
C TYR A 332 0.09 1.64 -5.39
N THR A 333 -0.82 1.34 -6.31
CA THR A 333 -2.00 2.16 -6.52
C THR A 333 -3.23 1.58 -5.82
N GLN A 334 -3.05 0.40 -5.21
CA GLN A 334 -4.12 -0.31 -4.53
C GLN A 334 -5.33 -0.51 -5.44
N SER A 335 -5.06 -1.01 -6.64
CA SER A 335 -6.08 -1.22 -7.65
C SER A 335 -5.89 -2.56 -8.35
N ILE A 336 -6.86 -2.94 -9.20
CA ILE A 336 -6.75 -4.20 -9.91
C ILE A 336 -6.41 -3.98 -11.38
N GLU A 337 -5.33 -4.61 -11.83
CA GLU A 337 -4.96 -4.62 -13.23
C GLU A 337 -5.65 -5.76 -13.94
N ILE A 338 -6.16 -5.50 -15.14
CA ILE A 338 -6.77 -6.55 -15.95
C ILE A 338 -5.81 -7.01 -17.05
N LEU A 339 -5.39 -8.26 -16.97
CA LEU A 339 -4.47 -8.84 -17.95
C LEU A 339 -5.21 -9.51 -19.10
N LYS A 340 -5.55 -8.73 -20.13
CA LYS A 340 -6.28 -9.29 -21.26
C LYS A 340 -5.59 -9.07 -22.61
N ASP A 341 -4.43 -8.42 -22.60
CA ASP A 341 -3.71 -8.19 -23.85
C ASP A 341 -2.23 -8.49 -23.63
N THR A 342 -1.43 -8.44 -24.69
CA THR A 342 -0.01 -8.74 -24.58
C THR A 342 0.76 -7.58 -23.96
N ARG A 343 0.23 -6.37 -24.08
CA ARG A 343 0.93 -5.20 -23.56
C ARG A 343 1.04 -5.23 -22.04
N SER A 344 -0.07 -5.51 -21.37
CA SER A 344 -0.06 -5.57 -19.92
C SER A 344 0.77 -6.75 -19.44
N ILE A 345 0.67 -7.87 -20.15
CA ILE A 345 1.41 -9.08 -19.78
C ILE A 345 2.92 -8.88 -19.90
N GLU A 346 3.38 -8.30 -21.00
CA GLU A 346 4.81 -8.03 -21.15
C GLU A 346 5.29 -7.10 -20.04
N ASN A 347 4.47 -6.10 -19.73
CA ASN A 347 4.80 -5.11 -18.74
C ASN A 347 5.08 -5.80 -17.40
N VAL A 348 4.25 -6.80 -17.09
CA VAL A 348 4.45 -7.61 -15.89
C VAL A 348 5.76 -8.38 -16.00
N VAL A 349 5.98 -9.01 -17.14
CA VAL A 349 7.18 -9.80 -17.37
C VAL A 349 8.43 -8.92 -17.25
N GLN A 350 8.39 -7.72 -17.82
CA GLN A 350 9.52 -6.79 -17.72
C GLN A 350 9.84 -6.47 -16.26
N ASP A 351 8.79 -6.19 -15.49
CA ASP A 351 8.93 -6.00 -14.06
C ASP A 351 9.59 -7.21 -13.40
N LEU A 352 9.12 -8.40 -13.76
CA LEU A 352 9.67 -9.62 -13.20
C LEU A 352 11.13 -9.79 -13.57
N ARG A 353 11.50 -9.29 -14.74
CA ARG A 353 12.90 -9.31 -15.14
C ARG A 353 13.77 -8.42 -14.25
N SER A 354 13.32 -7.19 -14.03
CA SER A 354 14.08 -6.27 -13.18
C SER A 354 14.24 -6.81 -11.77
N ASP A 355 13.18 -7.40 -11.24
CA ASP A 355 13.25 -7.93 -9.89
C ASP A 355 14.24 -9.08 -9.80
N LEU A 356 14.37 -9.84 -10.88
CA LEU A 356 15.37 -10.91 -10.94
C LEU A 356 16.78 -10.35 -10.97
N ASN A 357 16.92 -9.18 -11.59
CA ASN A 357 18.19 -8.47 -11.59
C ASN A 357 18.61 -8.09 -10.17
N THR A 358 17.65 -7.74 -9.33
CA THR A 358 17.92 -7.40 -7.93
C THR A 358 18.36 -8.65 -7.17
N VAL A 359 17.76 -9.78 -7.52
CA VAL A 359 18.16 -11.07 -6.96
C VAL A 359 19.63 -11.33 -7.26
N CYS A 360 20.04 -11.02 -8.49
CA CYS A 360 21.43 -11.18 -8.89
C CYS A 360 22.34 -10.27 -8.10
N ASP A 361 21.93 -9.02 -7.92
CA ASP A 361 22.72 -8.07 -7.14
C ASP A 361 23.00 -8.63 -5.76
N ALA A 362 21.96 -9.15 -5.12
CA ALA A 362 22.07 -9.69 -3.77
C ALA A 362 23.05 -10.85 -3.75
N LEU A 363 22.99 -11.71 -4.77
CA LEU A 363 23.88 -12.85 -4.86
C LEU A 363 25.31 -12.41 -5.13
N ASN A 364 25.46 -11.40 -5.99
CA ASN A 364 26.77 -10.78 -6.20
C ASN A 364 27.37 -10.28 -4.91
N LYS A 365 26.63 -9.44 -4.20
CA LYS A 365 27.10 -8.84 -2.95
C LYS A 365 27.44 -9.92 -1.93
N MET A 366 26.66 -10.99 -1.95
CA MET A 366 26.85 -12.07 -0.99
C MET A 366 28.18 -12.80 -1.27
N ASN A 367 28.48 -13.01 -2.55
CA ASN A 367 29.77 -13.57 -2.94
C ASN A 367 30.88 -12.56 -2.65
N GLN A 368 30.59 -11.31 -3.00
CA GLN A 368 31.50 -10.19 -2.76
C GLN A 368 31.98 -10.06 -1.32
N TYR A 369 31.07 -10.28 -0.36
CA TYR A 369 31.39 -10.08 1.06
C TYR A 369 31.70 -11.35 1.84
N LEU A 370 31.22 -12.50 1.37
CA LEU A 370 31.36 -13.72 2.15
C LEU A 370 32.13 -14.80 1.40
N GLY A 371 32.47 -14.51 0.15
CA GLY A 371 33.20 -15.45 -0.69
C GLY A 371 32.44 -16.72 -0.98
N ILE A 372 31.14 -16.58 -1.23
CA ILE A 372 30.29 -17.73 -1.49
C ILE A 372 29.32 -17.40 -2.62
N ASP B 32 26.41 -0.25 11.29
CA ASP B 32 27.61 -0.47 10.48
C ASP B 32 27.54 0.45 9.26
N VAL B 33 26.33 0.62 8.74
CA VAL B 33 26.12 1.45 7.56
C VAL B 33 25.23 2.63 7.93
N PRO B 34 25.30 3.74 7.17
CA PRO B 34 24.53 4.93 7.54
C PRO B 34 23.05 4.59 7.65
N TRP B 35 22.42 5.05 8.72
CA TRP B 35 21.02 4.73 8.96
C TRP B 35 20.09 5.32 7.91
N PHE B 36 19.11 4.51 7.54
CA PHE B 36 18.06 4.90 6.59
C PHE B 36 16.76 4.26 7.09
N PRO B 37 15.63 4.95 6.86
CA PRO B 37 14.33 4.45 7.34
C PRO B 37 13.96 3.11 6.71
N ARG B 38 13.51 2.16 7.52
CA ARG B 38 13.15 0.84 7.00
C ARG B 38 11.64 0.62 7.07
N LYS B 39 10.93 1.60 7.60
CA LYS B 39 9.47 1.66 7.51
C LYS B 39 9.01 3.05 7.13
N ILE B 40 7.84 3.13 6.49
CA ILE B 40 7.28 4.40 6.04
C ILE B 40 7.14 5.39 7.20
N SER B 41 6.84 4.88 8.40
CA SER B 41 6.66 5.72 9.58
C SER B 41 7.99 6.29 10.09
N GLU B 42 9.08 5.58 9.81
CA GLU B 42 10.41 6.04 10.20
C GLU B 42 10.87 7.20 9.33
N LEU B 43 10.20 7.40 8.20
CA LEU B 43 10.58 8.43 7.25
C LEU B 43 10.38 9.84 7.80
N ASP B 44 9.57 9.97 8.85
CA ASP B 44 9.32 11.29 9.45
C ASP B 44 10.58 11.89 10.02
N LYS B 45 11.48 11.03 10.49
CA LYS B 45 12.79 11.45 10.95
C LYS B 45 13.57 12.15 9.84
N CYS B 46 13.46 11.63 8.63
CA CYS B 46 14.16 12.21 7.48
C CYS B 46 13.60 13.57 7.09
N SER B 47 12.27 13.66 7.08
CA SER B 47 11.58 14.87 6.65
C SER B 47 11.92 16.08 7.52
N HIS B 48 12.08 15.83 8.82
CA HIS B 48 12.35 16.90 9.79
C HIS B 48 13.83 17.21 10.02
N ARG B 49 14.75 16.51 9.36
CA ARG B 49 16.15 16.87 9.52
C ARG B 49 16.38 17.95 8.48
N VAL B 50 16.08 19.19 8.83
CA VAL B 50 16.24 20.28 7.90
C VAL B 50 17.50 21.08 8.18
N LEU B 51 18.42 21.06 7.22
CA LEU B 51 19.65 21.82 7.34
C LEU B 51 19.40 23.33 7.32
N MET B 52 18.53 23.75 6.40
CA MET B 52 18.17 25.16 6.27
C MET B 52 16.66 25.34 6.14
N TYR B 53 16.08 26.16 7.01
CA TYR B 53 14.64 26.41 6.97
C TYR B 53 14.27 27.55 6.02
N GLU B 56 14.58 31.61 6.76
CA GLU B 56 15.96 32.01 6.54
C GLU B 56 16.19 32.43 5.09
N LEU B 57 16.18 33.74 4.86
CA LEU B 57 16.39 34.27 3.51
C LEU B 57 17.62 35.16 3.46
N ASP B 58 18.39 35.06 2.38
CA ASP B 58 19.56 35.90 2.20
C ASP B 58 19.15 37.27 1.67
N ALA B 59 20.10 38.19 1.63
CA ALA B 59 19.82 39.57 1.23
C ALA B 59 19.22 39.66 -0.17
N ASP B 60 19.70 38.82 -1.07
CA ASP B 60 19.25 38.84 -2.47
C ASP B 60 17.75 38.55 -2.58
N HIS B 61 17.26 37.62 -1.78
CA HIS B 61 15.84 37.28 -1.81
C HIS B 61 15.02 38.48 -1.39
N PRO B 62 13.86 38.69 -2.04
CA PRO B 62 12.98 39.83 -1.75
C PRO B 62 12.23 39.74 -0.43
N GLY B 63 12.38 38.63 0.30
CA GLY B 63 11.65 38.43 1.53
C GLY B 63 11.84 39.40 2.69
N PHE B 64 13.06 39.82 2.99
CA PHE B 64 13.24 40.81 4.06
C PHE B 64 12.63 42.14 3.65
N LYS B 65 12.77 42.46 2.36
CA LYS B 65 12.27 43.72 1.82
C LYS B 65 10.77 43.84 2.05
N ASP B 66 10.05 42.73 1.84
CA ASP B 66 8.62 42.72 2.08
C ASP B 66 8.34 42.01 3.41
N ASN B 67 8.03 42.79 4.45
CA ASN B 67 7.77 42.25 5.77
C ASN B 67 6.56 41.32 5.80
N VAL B 68 5.56 41.65 5.00
CA VAL B 68 4.35 40.83 4.89
C VAL B 68 4.67 39.44 4.36
N TYR B 69 5.56 39.37 3.37
CA TYR B 69 5.91 38.08 2.78
C TYR B 69 6.58 37.15 3.79
N ARG B 70 7.47 37.71 4.62
CA ARG B 70 8.18 36.93 5.63
C ARG B 70 7.25 36.32 6.68
N GLN B 71 6.20 37.04 7.05
CA GLN B 71 5.26 36.55 8.04
C GLN B 71 4.57 35.26 7.57
N ARG B 72 4.18 35.22 6.31
CA ARG B 72 3.53 34.03 5.77
C ARG B 72 4.48 32.83 5.74
N ARG B 73 5.72 33.06 5.30
CA ARG B 73 6.69 31.97 5.10
C ARG B 73 6.98 31.16 6.35
N LYS B 74 7.10 31.83 7.49
CA LYS B 74 7.33 31.14 8.75
C LYS B 74 6.15 30.25 9.07
N TYR B 75 4.94 30.75 8.78
CA TYR B 75 3.73 29.97 8.99
C TYR B 75 3.79 28.66 8.18
N PHE B 76 4.17 28.73 6.90
CA PHE B 76 4.29 27.52 6.08
C PHE B 76 5.41 26.62 6.57
N VAL B 77 6.47 27.23 7.08
CA VAL B 77 7.57 26.49 7.65
C VAL B 77 7.09 25.79 8.94
N ASP B 78 6.34 26.53 9.74
CA ASP B 78 5.79 26.01 10.99
C ASP B 78 4.85 24.83 10.76
N VAL B 79 4.03 24.92 9.71
CA VAL B 79 3.11 23.83 9.37
C VAL B 79 3.82 22.53 8.99
N ALA B 80 4.88 22.66 8.20
CA ALA B 80 5.66 21.51 7.75
C ALA B 80 6.27 20.76 8.93
N MET B 81 6.73 21.52 9.91
CA MET B 81 7.29 20.97 11.15
C MET B 81 6.17 20.24 11.88
N GLY B 82 4.97 20.80 11.80
CA GLY B 82 3.81 20.21 12.43
C GLY B 82 3.41 18.86 11.86
N TYR B 83 3.62 18.69 10.56
CA TYR B 83 3.24 17.46 9.86
C TYR B 83 3.85 16.20 10.42
N LYS B 84 2.97 15.22 10.61
CA LYS B 84 3.37 13.91 11.06
C LYS B 84 2.77 12.81 10.14
N TYR B 85 3.41 11.66 10.07
CA TYR B 85 2.94 10.58 9.21
C TYR B 85 1.54 10.16 9.59
N GLY B 86 0.69 9.91 8.59
CA GLY B 86 -0.68 9.50 8.82
C GLY B 86 -1.63 10.68 9.01
N GLN B 87 -1.12 11.89 8.83
CA GLN B 87 -1.95 13.08 8.97
C GLN B 87 -2.23 13.70 7.61
N PRO B 88 -3.51 14.02 7.34
CA PRO B 88 -3.85 14.59 6.04
C PRO B 88 -3.10 15.91 5.82
N ILE B 89 -2.64 16.16 4.61
CA ILE B 89 -1.93 17.40 4.35
C ILE B 89 -2.88 18.56 4.58
N PRO B 90 -2.38 19.59 5.28
CA PRO B 90 -3.19 20.76 5.60
C PRO B 90 -3.49 21.60 4.37
N ARG B 91 -4.53 22.42 4.45
CA ARG B 91 -4.91 23.28 3.34
C ARG B 91 -4.68 24.73 3.78
N VAL B 92 -3.93 25.45 2.95
CA VAL B 92 -3.58 26.85 3.21
C VAL B 92 -4.71 27.84 2.93
N GLU B 93 -4.61 29.00 3.57
CA GLU B 93 -5.57 30.07 3.36
C GLU B 93 -5.37 30.62 1.97
N TYR B 94 -6.47 30.90 1.29
CA TYR B 94 -6.35 31.41 -0.06
C TYR B 94 -6.09 32.90 0.03
N THR B 95 -4.88 33.28 -0.35
CA THR B 95 -4.49 34.68 -0.35
C THR B 95 -4.40 35.03 -1.80
N GLU B 96 -5.19 36.01 -2.23
CA GLU B 96 -5.20 36.39 -3.62
C GLU B 96 -3.88 36.92 -4.12
N GLU B 97 -3.11 37.63 -3.29
CA GLU B 97 -1.82 38.14 -3.76
C GLU B 97 -0.92 36.97 -4.15
N GLU B 98 -0.88 35.94 -3.32
CA GLU B 98 -0.11 34.76 -3.64
C GLU B 98 -0.78 34.07 -4.82
N THR B 99 -2.11 33.94 -4.75
CA THR B 99 -2.92 33.27 -5.77
C THR B 99 -2.77 33.97 -7.13
N LYS B 100 -2.71 35.30 -7.11
CA LYS B 100 -2.51 36.08 -8.33
C LYS B 100 -1.15 35.75 -8.93
N THR B 101 -0.14 35.66 -8.06
CA THR B 101 1.22 35.35 -8.49
C THR B 101 1.28 33.97 -9.13
N TRP B 102 0.54 33.04 -8.54
CA TRP B 102 0.49 31.66 -9.03
C TRP B 102 -0.09 31.61 -10.43
N GLY B 103 -1.10 32.45 -10.66
CA GLY B 103 -1.80 32.50 -11.93
C GLY B 103 -0.87 32.89 -13.07
N VAL B 104 0.02 33.85 -12.81
CA VAL B 104 0.93 34.34 -13.83
C VAL B 104 1.83 33.21 -14.32
N VAL B 105 2.36 32.45 -13.37
CA VAL B 105 3.23 31.34 -13.67
C VAL B 105 2.45 30.25 -14.41
N PHE B 106 1.23 29.98 -13.93
CA PHE B 106 0.40 28.94 -14.52
C PHE B 106 0.10 29.19 -16.00
N ARG B 107 -0.39 30.39 -16.31
CA ARG B 107 -0.68 30.75 -17.70
C ARG B 107 0.52 30.86 -18.64
N GLU B 108 1.60 31.47 -18.16
CA GLU B 108 2.78 31.68 -18.99
C GLU B 108 3.44 30.38 -19.38
N LEU B 109 3.57 29.47 -18.43
CA LEU B 109 4.21 28.20 -18.70
C LEU B 109 3.38 27.35 -19.66
N SER B 110 2.06 27.55 -19.65
CA SER B 110 1.20 26.72 -20.48
C SER B 110 1.44 26.88 -21.98
N LYS B 111 1.62 28.11 -22.47
CA LYS B 111 1.87 28.31 -23.90
C LYS B 111 3.03 27.45 -24.41
N LEU B 112 4.07 27.39 -23.60
CA LEU B 112 5.28 26.63 -23.89
C LEU B 112 5.15 25.10 -23.93
N TYR B 113 4.30 24.54 -23.06
CA TYR B 113 4.20 23.09 -22.92
C TYR B 113 3.81 22.26 -24.14
N PRO B 114 2.81 22.71 -24.95
CA PRO B 114 2.50 21.85 -26.08
C PRO B 114 3.71 21.74 -27.00
N THR B 115 4.35 22.89 -27.23
CA THR B 115 5.58 22.99 -28.00
C THR B 115 6.80 22.30 -27.37
N HIS B 116 6.99 22.48 -26.06
CA HIS B 116 8.17 21.92 -25.38
C HIS B 116 8.07 20.75 -24.38
N ALA B 117 6.88 20.20 -24.12
CA ALA B 117 6.78 19.15 -23.11
C ALA B 117 6.51 17.74 -23.65
N CYS B 118 7.03 16.74 -22.96
CA CYS B 118 6.85 15.33 -23.32
C CYS B 118 5.40 14.91 -23.16
N ARG B 119 4.96 13.98 -24.00
CA ARG B 119 3.56 13.55 -24.02
C ARG B 119 2.98 13.23 -22.64
N GLU B 120 3.78 12.58 -21.79
CA GLU B 120 3.32 12.23 -20.44
C GLU B 120 2.82 13.44 -19.65
N TYR B 121 3.46 14.59 -19.85
CA TYR B 121 3.01 15.81 -19.19
C TYR B 121 1.62 16.17 -19.69
N LEU B 122 1.50 16.18 -21.01
CA LEU B 122 0.28 16.63 -21.66
C LEU B 122 -0.87 15.66 -21.42
N LYS B 123 -0.55 14.42 -21.09
CA LYS B 123 -1.58 13.47 -20.72
C LYS B 123 -2.16 13.88 -19.37
N ASN B 124 -1.27 14.18 -18.42
CA ASN B 124 -1.64 14.34 -17.02
C ASN B 124 -2.19 15.72 -16.65
N PHE B 125 -1.75 16.76 -17.35
CA PHE B 125 -2.14 18.13 -17.02
C PHE B 125 -3.64 18.42 -17.10
N PRO B 126 -4.34 17.93 -18.16
CA PRO B 126 -5.78 18.17 -18.18
C PRO B 126 -6.52 17.50 -17.02
N LEU B 127 -6.05 16.33 -16.64
CA LEU B 127 -6.59 15.60 -15.49
C LEU B 127 -6.37 16.36 -14.18
N LEU B 128 -5.25 17.06 -14.08
CA LEU B 128 -4.95 17.86 -12.90
C LEU B 128 -5.94 19.00 -12.80
N THR B 129 -6.33 19.52 -13.96
CA THR B 129 -7.32 20.58 -14.04
C THR B 129 -8.70 20.05 -13.62
N LYS B 130 -9.00 18.81 -13.99
CA LYS B 130 -10.30 18.22 -13.72
C LYS B 130 -10.50 17.82 -12.24
N TYR B 131 -9.46 17.26 -11.64
CA TYR B 131 -9.56 16.63 -10.32
C TYR B 131 -8.86 17.31 -9.14
N CYS B 132 -7.80 18.04 -9.41
CA CYS B 132 -7.02 18.68 -8.34
C CYS B 132 -7.20 20.19 -8.32
N GLY B 133 -8.27 20.66 -8.93
CA GLY B 133 -8.57 22.08 -9.03
C GLY B 133 -7.37 22.89 -9.46
N TYR B 134 -6.70 22.41 -10.52
CA TYR B 134 -5.58 23.15 -11.07
C TYR B 134 -6.24 24.15 -12.00
N ARG B 135 -6.27 25.43 -11.62
CA ARG B 135 -6.83 26.44 -12.51
C ARG B 135 -6.09 27.75 -12.32
N GLU B 136 -6.32 28.71 -13.22
CA GLU B 136 -5.61 29.98 -13.14
C GLU B 136 -5.86 30.76 -11.86
N ASP B 137 -7.11 30.71 -11.40
CA ASP B 137 -7.51 31.44 -10.21
C ASP B 137 -7.40 30.67 -8.91
N ASN B 138 -6.86 29.46 -8.97
CA ASN B 138 -6.78 28.65 -7.77
C ASN B 138 -5.40 28.05 -7.56
N VAL B 139 -5.10 27.74 -6.30
CA VAL B 139 -3.85 27.12 -5.95
C VAL B 139 -4.23 25.75 -5.41
N PRO B 140 -3.62 24.70 -5.98
CA PRO B 140 -3.96 23.35 -5.55
C PRO B 140 -3.45 23.07 -4.16
N GLN B 141 -4.18 22.25 -3.43
CA GLN B 141 -3.77 21.88 -2.08
C GLN B 141 -3.13 20.52 -2.14
N LEU B 142 -1.95 20.41 -1.55
CA LEU B 142 -1.15 19.19 -1.62
C LEU B 142 -1.95 17.92 -1.34
N GLU B 143 -2.93 18.01 -0.45
CA GLU B 143 -3.77 16.86 -0.12
C GLU B 143 -4.52 16.35 -1.34
N ASP B 144 -4.98 17.28 -2.17
CA ASP B 144 -5.64 16.91 -3.42
C ASP B 144 -4.64 16.27 -4.37
N VAL B 145 -3.50 16.93 -4.53
CA VAL B 145 -2.45 16.46 -5.42
C VAL B 145 -1.95 15.08 -4.99
N SER B 146 -1.72 14.92 -3.70
CA SER B 146 -1.24 13.67 -3.13
C SER B 146 -2.17 12.49 -3.39
N MET B 147 -3.47 12.70 -3.18
CA MET B 147 -4.45 11.64 -3.39
C MET B 147 -4.57 11.27 -4.86
N PHE B 148 -4.29 12.24 -5.72
CA PHE B 148 -4.30 12.03 -7.16
C PHE B 148 -3.15 11.13 -7.59
N LEU B 149 -1.97 11.41 -7.05
CA LEU B 149 -0.75 10.69 -7.39
C LEU B 149 -0.78 9.25 -6.88
N LYS B 150 -1.38 9.04 -5.72
CA LYS B 150 -1.39 7.72 -5.11
C LYS B 150 -2.23 6.74 -5.91
N GLU B 151 -3.28 7.24 -6.55
CA GLU B 151 -4.12 6.41 -7.40
C GLU B 151 -3.45 6.06 -8.72
N ARG B 152 -2.76 7.02 -9.30
CA ARG B 152 -2.12 6.82 -10.60
C ARG B 152 -0.74 6.17 -10.61
N SER B 153 0.12 6.50 -9.65
CA SER B 153 1.45 5.89 -9.64
C SER B 153 1.96 5.50 -8.26
N GLY B 154 1.16 5.68 -7.23
CA GLY B 154 1.58 5.26 -5.91
C GLY B 154 2.37 6.30 -5.16
N PHE B 155 2.73 7.37 -5.84
CA PHE B 155 3.44 8.46 -5.20
C PHE B 155 2.51 9.26 -4.30
N THR B 156 3.10 9.85 -3.27
CA THR B 156 2.42 10.81 -2.41
C THR B 156 3.37 11.96 -2.16
N VAL B 157 2.84 13.12 -1.81
CA VAL B 157 3.70 14.26 -1.53
C VAL B 157 3.53 14.68 -0.09
N ARG B 158 4.60 15.14 0.53
CA ARG B 158 4.51 15.68 1.88
C ARG B 158 5.24 17.02 1.93
N PRO B 159 4.65 18.00 2.63
CA PRO B 159 5.27 19.32 2.76
C PRO B 159 6.58 19.24 3.53
N VAL B 160 7.59 19.96 3.07
CA VAL B 160 8.89 19.93 3.73
C VAL B 160 9.21 21.33 4.25
N ALA B 161 9.69 21.39 5.50
CA ALA B 161 10.03 22.66 6.14
C ALA B 161 11.16 23.42 5.46
N GLY B 162 12.16 22.70 4.98
CA GLY B 162 13.30 23.33 4.35
C GLY B 162 14.16 22.36 3.56
N TYR B 163 15.30 22.85 3.10
CA TYR B 163 16.25 22.04 2.36
C TYR B 163 16.71 20.85 3.19
N LEU B 164 16.70 19.67 2.57
CA LEU B 164 17.03 18.42 3.24
C LEU B 164 18.36 17.91 2.74
N SER B 165 18.99 17.02 3.52
CA SER B 165 20.17 16.33 3.04
C SER B 165 19.78 15.51 1.81
N PRO B 166 20.68 15.39 0.84
CA PRO B 166 20.42 14.54 -0.34
C PRO B 166 20.13 13.10 0.04
N ARG B 167 20.70 12.63 1.13
CA ARG B 167 20.40 11.30 1.65
C ARG B 167 18.92 11.17 2.06
N ASP B 168 18.44 12.13 2.83
CA ASP B 168 17.07 12.08 3.35
C ASP B 168 16.02 12.35 2.27
N PHE B 169 16.35 13.24 1.33
CA PHE B 169 15.44 13.54 0.24
C PHE B 169 15.24 12.33 -0.65
N LEU B 170 16.34 11.67 -1.01
CA LEU B 170 16.27 10.47 -1.85
C LEU B 170 15.63 9.31 -1.09
N ALA B 171 15.74 9.33 0.24
CA ALA B 171 15.12 8.30 1.06
C ALA B 171 13.61 8.32 0.85
N GLY B 172 13.06 9.53 0.71
CA GLY B 172 11.64 9.70 0.45
C GLY B 172 11.24 9.08 -0.89
N LEU B 173 12.10 9.24 -1.89
CA LEU B 173 11.83 8.69 -3.21
C LEU B 173 11.74 7.17 -3.18
N ALA B 174 12.54 6.55 -2.32
CA ALA B 174 12.51 5.11 -2.13
C ALA B 174 11.11 4.66 -1.70
N TYR B 175 10.39 5.55 -1.02
CA TYR B 175 9.05 5.23 -0.56
C TYR B 175 7.99 5.84 -1.47
N ARG B 176 8.44 6.37 -2.61
CA ARG B 176 7.58 7.13 -3.50
C ARG B 176 6.89 8.25 -2.73
N VAL B 177 7.70 8.96 -1.95
CA VAL B 177 7.24 10.13 -1.23
C VAL B 177 8.04 11.33 -1.73
N PHE B 178 7.34 12.33 -2.27
CA PHE B 178 8.01 13.52 -2.76
C PHE B 178 7.82 14.67 -1.78
N HIS B 179 8.92 15.31 -1.40
CA HIS B 179 8.83 16.43 -0.48
C HIS B 179 8.56 17.71 -1.25
N CYS B 180 7.64 18.52 -0.74
CA CYS B 180 7.25 19.72 -1.45
C CYS B 180 7.34 20.97 -0.62
N THR B 181 7.48 22.10 -1.31
CA THR B 181 7.51 23.40 -0.66
C THR B 181 6.12 23.97 -0.80
N GLN B 182 5.44 24.15 0.33
CA GLN B 182 4.09 24.68 0.35
C GLN B 182 4.01 26.16 -0.07
N TYR B 183 5.02 26.94 0.31
CA TYR B 183 5.08 28.37 0.03
C TYR B 183 5.28 28.76 -1.44
N ILE B 184 4.82 29.97 -1.79
CA ILE B 184 4.91 30.49 -3.15
C ILE B 184 5.93 31.63 -3.21
N ARG B 185 6.55 31.83 -4.37
CA ARG B 185 7.58 32.85 -4.58
C ARG B 185 7.00 34.25 -4.40
N HIS B 186 7.85 35.23 -4.12
CA HIS B 186 7.38 36.60 -3.94
C HIS B 186 6.78 37.18 -5.22
N GLY B 187 5.80 38.06 -5.03
CA GLY B 187 5.10 38.69 -6.14
C GLY B 187 5.87 39.69 -6.99
N SER B 188 7.06 40.09 -6.55
CA SER B 188 7.85 41.09 -7.25
C SER B 188 8.23 40.66 -8.69
N ASP B 189 8.65 39.41 -8.85
CA ASP B 189 8.96 38.90 -10.17
C ASP B 189 8.55 37.43 -10.27
N PRO B 190 7.43 37.16 -10.97
CA PRO B 190 6.90 35.81 -11.13
C PRO B 190 7.85 34.91 -11.93
N LEU B 191 8.41 35.45 -13.01
CA LEU B 191 9.28 34.68 -13.90
C LEU B 191 10.56 34.16 -13.24
N TYR B 192 11.16 34.94 -12.35
CA TYR B 192 12.42 34.53 -11.74
C TYR B 192 12.21 33.91 -10.37
N THR B 193 12.78 32.73 -10.17
CA THR B 193 12.66 32.07 -8.89
C THR B 193 14.02 31.79 -8.25
N PRO B 194 14.23 32.28 -7.03
CA PRO B 194 15.44 32.04 -6.23
C PRO B 194 15.55 30.62 -5.62
N GLU B 195 14.46 30.06 -5.11
CA GLU B 195 14.48 28.73 -4.50
C GLU B 195 13.20 27.98 -4.90
N PRO B 196 13.19 26.65 -4.76
CA PRO B 196 11.99 25.89 -5.16
C PRO B 196 10.73 26.32 -4.42
N ASP B 197 9.63 26.38 -5.16
CA ASP B 197 8.34 26.80 -4.61
C ASP B 197 7.20 25.90 -5.07
N THR B 198 5.99 26.21 -4.62
CA THR B 198 4.80 25.43 -4.97
C THR B 198 4.59 25.36 -6.48
N CYS B 199 4.82 26.48 -7.16
CA CYS B 199 4.68 26.52 -8.61
C CYS B 199 5.64 25.52 -9.26
N HIS B 200 6.88 25.50 -8.77
CA HIS B 200 7.86 24.54 -9.28
C HIS B 200 7.48 23.09 -9.02
N GLU B 201 6.97 22.82 -7.83
CA GLU B 201 6.67 21.45 -7.45
C GLU B 201 5.43 20.95 -8.19
N LEU B 202 4.39 21.78 -8.19
CA LEU B 202 3.12 21.49 -8.86
C LEU B 202 3.12 21.51 -10.39
N LEU B 203 3.86 22.43 -10.98
CA LEU B 203 3.83 22.56 -12.44
C LEU B 203 5.02 21.85 -13.07
N GLY B 204 6.08 21.67 -12.29
CA GLY B 204 7.29 21.02 -12.77
C GLY B 204 7.36 19.53 -12.49
N HIS B 205 7.10 19.15 -11.25
CA HIS B 205 7.28 17.76 -10.83
C HIS B 205 6.02 16.90 -10.97
N VAL B 206 4.92 17.37 -10.39
CA VAL B 206 3.70 16.57 -10.25
C VAL B 206 3.15 15.90 -11.54
N PRO B 207 3.09 16.63 -12.67
CA PRO B 207 2.57 15.98 -13.88
C PRO B 207 3.34 14.72 -14.30
N LEU B 208 4.63 14.69 -13.99
CA LEU B 208 5.45 13.55 -14.35
C LEU B 208 5.46 12.46 -13.28
N LEU B 209 5.23 12.85 -12.02
CA LEU B 209 5.11 11.89 -10.93
C LEU B 209 3.87 11.01 -11.09
N ALA B 210 2.95 11.41 -11.97
CA ALA B 210 1.74 10.65 -12.23
C ALA B 210 1.95 9.47 -13.19
N ASP B 211 3.09 9.46 -13.88
CA ASP B 211 3.40 8.40 -14.85
C ASP B 211 4.08 7.22 -14.16
N PRO B 212 3.43 6.05 -14.17
CA PRO B 212 3.89 4.81 -13.52
C PRO B 212 5.35 4.45 -13.80
N LYS B 213 5.83 4.67 -15.02
CA LYS B 213 7.21 4.32 -15.35
C LYS B 213 8.19 5.37 -14.83
N PHE B 214 7.79 6.62 -14.88
CA PHE B 214 8.59 7.68 -14.29
C PHE B 214 8.66 7.45 -12.78
N ALA B 215 7.54 7.02 -12.20
CA ALA B 215 7.47 6.71 -10.79
C ALA B 215 8.45 5.60 -10.44
N GLN B 216 8.49 4.55 -11.25
CA GLN B 216 9.42 3.46 -10.99
C GLN B 216 10.86 3.94 -11.13
N PHE B 217 11.08 4.84 -12.08
CA PHE B 217 12.41 5.39 -12.31
C PHE B 217 12.92 6.17 -11.09
N SER B 218 12.08 7.05 -10.56
CA SER B 218 12.43 7.87 -9.41
C SER B 218 12.74 7.02 -8.17
N GLN B 219 11.90 6.01 -7.94
CA GLN B 219 12.07 5.14 -6.79
C GLN B 219 13.41 4.40 -6.86
N GLU B 220 13.86 4.04 -8.06
CA GLU B 220 15.15 3.37 -8.22
C GLU B 220 16.30 4.21 -7.71
N ILE B 221 16.22 5.52 -7.94
CA ILE B 221 17.23 6.43 -7.44
C ILE B 221 17.19 6.44 -5.92
N GLY B 222 15.98 6.50 -5.38
CA GLY B 222 15.80 6.46 -3.95
C GLY B 222 16.36 5.19 -3.33
N LEU B 223 15.97 4.05 -3.88
CA LEU B 223 16.39 2.75 -3.37
C LEU B 223 17.91 2.58 -3.39
N ALA B 224 18.53 3.09 -4.45
CA ALA B 224 19.98 2.98 -4.61
C ALA B 224 20.73 3.71 -3.50
N SER B 225 20.13 4.80 -3.00
CA SER B 225 20.80 5.66 -2.03
C SER B 225 20.82 5.06 -0.65
N LEU B 226 19.87 4.18 -0.36
CA LEU B 226 19.70 3.65 0.99
C LEU B 226 20.95 2.94 1.49
N GLY B 227 21.55 3.49 2.54
CA GLY B 227 22.72 2.91 3.16
C GLY B 227 24.00 3.03 2.36
N ALA B 228 23.97 3.87 1.33
CA ALA B 228 25.13 4.08 0.49
C ALA B 228 26.11 5.06 1.13
N SER B 229 27.34 5.09 0.63
CA SER B 229 28.30 6.08 1.09
C SER B 229 27.82 7.45 0.61
N ASP B 230 28.20 8.50 1.34
CA ASP B 230 27.81 9.88 1.04
C ASP B 230 28.13 10.30 -0.39
N GLU B 231 29.31 9.92 -0.83
CA GLU B 231 29.80 10.21 -2.16
C GLU B 231 28.98 9.52 -3.23
N ASP B 232 28.57 8.28 -2.97
CA ASP B 232 27.70 7.56 -3.90
C ASP B 232 26.39 8.33 -3.92
N VAL B 233 25.95 8.76 -2.74
CA VAL B 233 24.70 9.50 -2.61
C VAL B 233 24.71 10.78 -3.45
N GLN B 234 25.82 11.51 -3.41
CA GLN B 234 25.94 12.74 -4.20
C GLN B 234 25.96 12.43 -5.69
N LYS B 235 26.69 11.38 -6.07
CA LYS B 235 26.68 10.89 -7.44
C LYS B 235 25.24 10.70 -7.91
N LEU B 236 24.42 10.13 -7.04
CA LEU B 236 23.00 9.93 -7.31
C LEU B 236 22.27 11.25 -7.34
N ALA B 237 22.67 12.18 -6.49
CA ALA B 237 22.05 13.50 -6.45
C ALA B 237 22.29 14.25 -7.76
N THR B 238 23.50 14.08 -8.32
CA THR B 238 23.81 14.67 -9.61
C THR B 238 22.97 14.03 -10.70
N CYS B 239 22.81 12.71 -10.62
CA CYS B 239 21.99 11.98 -11.59
C CYS B 239 20.56 12.47 -11.50
N TYR B 240 20.08 12.64 -10.27
CA TYR B 240 18.72 13.12 -10.04
C TYR B 240 18.54 14.52 -10.59
N PHE B 241 19.55 15.37 -10.38
CA PHE B 241 19.51 16.76 -10.80
C PHE B 241 19.39 16.84 -12.32
N PHE B 242 20.20 16.02 -12.98
CA PHE B 242 20.26 15.95 -14.43
C PHE B 242 19.10 15.22 -15.07
N THR B 243 18.29 14.51 -14.29
CA THR B 243 17.14 13.87 -14.89
C THR B 243 15.82 14.45 -14.37
N ILE B 244 15.53 14.22 -13.10
CA ILE B 244 14.28 14.66 -12.49
C ILE B 244 14.05 16.18 -12.43
N GLU B 245 15.07 16.93 -12.04
CA GLU B 245 15.00 18.39 -12.01
C GLU B 245 15.14 19.07 -13.36
N PHE B 246 16.11 18.61 -14.15
CA PHE B 246 16.33 19.14 -15.47
C PHE B 246 16.69 17.93 -16.30
N GLY B 247 15.89 17.57 -17.29
CA GLY B 247 16.19 16.40 -18.11
C GLY B 247 15.34 16.34 -19.36
N LEU B 248 15.91 15.79 -20.43
CA LEU B 248 15.19 15.64 -21.70
C LEU B 248 15.12 14.22 -22.26
N CYS B 249 14.02 13.97 -22.97
CA CYS B 249 13.76 12.66 -23.56
C CYS B 249 13.24 12.84 -24.97
N LYS B 250 13.49 11.86 -25.85
CA LYS B 250 13.01 11.96 -27.22
C LYS B 250 12.33 10.67 -27.68
N GLY B 253 9.71 10.43 -32.43
CA GLY B 253 11.08 10.74 -32.81
C GLY B 253 11.37 12.24 -32.77
N GLN B 254 10.97 12.88 -31.67
CA GLN B 254 11.15 14.32 -31.51
C GLN B 254 11.75 14.56 -30.13
N LEU B 255 12.26 15.77 -29.90
CA LEU B 255 12.87 16.10 -28.61
C LEU B 255 11.98 16.94 -27.72
N ARG B 256 11.77 16.47 -26.50
CA ARG B 256 10.93 17.16 -25.53
C ARG B 256 11.59 17.22 -24.16
N ALA B 257 11.16 18.16 -23.33
CA ALA B 257 11.74 18.34 -21.99
C ALA B 257 10.93 17.66 -20.91
N TYR B 258 11.59 16.91 -20.03
CA TYR B 258 10.89 16.24 -18.93
C TYR B 258 11.42 16.73 -17.58
N GLY B 259 12.39 17.63 -17.60
CA GLY B 259 12.94 18.18 -16.37
C GLY B 259 11.97 19.09 -15.65
N ALA B 260 11.88 18.93 -14.34
CA ALA B 260 10.93 19.71 -13.54
C ALA B 260 11.33 21.17 -13.44
N GLY B 261 12.64 21.42 -13.33
CA GLY B 261 13.16 22.77 -13.30
C GLY B 261 12.95 23.45 -14.64
N LEU B 262 13.03 22.67 -15.71
CA LEU B 262 12.76 23.16 -17.07
C LEU B 262 11.32 23.57 -17.25
N LEU B 263 10.41 22.77 -16.69
CA LEU B 263 9.00 23.07 -16.76
C LEU B 263 8.73 24.37 -16.00
N SER B 264 9.40 24.51 -14.86
CA SER B 264 9.29 25.71 -14.03
C SER B 264 9.86 26.99 -14.67
N SER B 265 10.98 26.87 -15.38
CA SER B 265 11.65 28.04 -15.96
C SER B 265 11.39 28.24 -17.46
N ILE B 266 10.74 29.35 -17.79
CA ILE B 266 10.42 29.69 -19.18
C ILE B 266 11.64 29.88 -20.10
N GLY B 267 12.66 30.61 -19.64
CA GLY B 267 13.84 30.85 -20.46
C GLY B 267 14.74 29.67 -20.78
N GLU B 268 15.06 28.87 -19.77
CA GLU B 268 15.93 27.72 -19.95
C GLU B 268 15.26 26.67 -20.82
N LEU B 269 13.94 26.56 -20.68
CA LEU B 269 13.17 25.56 -21.40
C LEU B 269 13.32 25.75 -22.90
N LYS B 270 13.28 27.00 -23.35
CA LYS B 270 13.47 27.31 -24.77
C LYS B 270 14.90 26.95 -25.17
N HIS B 271 15.86 27.36 -24.35
CA HIS B 271 17.27 27.12 -24.59
C HIS B 271 17.53 25.62 -24.73
N ALA B 272 16.91 24.83 -23.88
CA ALA B 272 17.15 23.39 -23.87
C ALA B 272 16.83 22.74 -25.22
N LEU B 273 15.71 23.13 -25.82
CA LEU B 273 15.34 22.57 -27.12
C LEU B 273 16.04 23.30 -28.26
N SER B 274 16.66 24.43 -27.95
CA SER B 274 17.39 25.22 -28.93
C SER B 274 18.75 24.62 -29.23
N ASP B 275 19.40 25.12 -30.28
CA ASP B 275 20.74 24.66 -30.64
C ASP B 275 21.82 25.40 -29.83
N ALA B 281 23.37 12.24 -24.21
CA ALA B 281 22.95 10.88 -23.90
C ALA B 281 22.99 10.66 -22.39
N PHE B 282 22.15 9.77 -21.88
CA PHE B 282 22.13 9.50 -20.44
C PHE B 282 22.81 8.18 -20.08
N ASP B 283 23.96 8.32 -19.43
CA ASP B 283 24.72 7.20 -18.91
C ASP B 283 25.07 7.63 -17.48
N PRO B 284 24.55 6.91 -16.48
CA PRO B 284 24.70 7.31 -15.07
C PRO B 284 26.14 7.43 -14.59
N LYS B 285 27.01 6.49 -14.97
CA LYS B 285 28.40 6.52 -14.52
C LYS B 285 29.08 7.78 -15.02
N THR B 286 28.87 8.08 -16.30
CA THR B 286 29.42 9.30 -16.89
C THR B 286 28.71 10.56 -16.39
N THR B 287 27.38 10.50 -16.27
CA THR B 287 26.59 11.67 -15.89
C THR B 287 26.79 12.19 -14.46
N CYS B 288 27.10 11.30 -13.51
CA CYS B 288 27.23 11.73 -12.12
C CYS B 288 28.40 12.70 -11.94
N LEU B 289 29.42 12.52 -12.77
CA LEU B 289 30.64 13.32 -12.70
C LEU B 289 30.45 14.82 -12.98
N GLN B 290 29.61 15.16 -13.96
CA GLN B 290 29.44 16.56 -14.32
C GLN B 290 28.84 17.41 -13.19
N GLU B 291 29.39 18.62 -13.04
CA GLU B 291 29.01 19.56 -11.99
C GLU B 291 27.62 20.17 -12.13
N CYS B 292 27.01 20.47 -10.98
CA CYS B 292 25.69 21.08 -10.94
C CYS B 292 25.84 22.61 -10.83
N LEU B 293 25.29 23.35 -11.78
CA LEU B 293 25.39 24.81 -11.74
C LEU B 293 24.06 25.41 -11.30
N ILE B 294 24.09 26.16 -10.21
CA ILE B 294 22.88 26.80 -9.68
C ILE B 294 22.27 27.91 -10.54
N THR B 295 23.10 28.82 -11.04
CA THR B 295 22.59 29.95 -11.81
C THR B 295 22.79 29.80 -13.32
N THR B 296 23.98 29.38 -13.73
CA THR B 296 24.29 29.23 -15.14
C THR B 296 23.53 28.06 -15.75
N PHE B 297 23.23 28.18 -17.03
CA PHE B 297 22.59 27.09 -17.76
C PHE B 297 23.64 26.00 -17.92
N GLN B 298 23.21 24.73 -17.87
CA GLN B 298 24.13 23.61 -18.01
C GLN B 298 24.93 23.66 -19.31
N PHE B 302 20.44 15.68 -20.28
CA PHE B 302 20.82 14.46 -20.98
C PHE B 302 19.60 13.81 -21.63
N VAL B 303 19.83 13.01 -22.66
CA VAL B 303 18.73 12.37 -23.39
C VAL B 303 18.42 10.95 -22.93
N SER B 304 17.14 10.70 -22.63
CA SER B 304 16.68 9.38 -22.24
C SER B 304 15.66 8.94 -23.29
N GLU B 305 15.84 7.76 -23.86
CA GLU B 305 14.90 7.26 -24.86
C GLU B 305 13.52 7.17 -24.21
N SER B 306 13.48 6.39 -23.13
CA SER B 306 12.26 6.15 -22.37
C SER B 306 12.65 6.01 -20.89
N PHE B 307 11.64 5.91 -20.02
CA PHE B 307 11.92 5.79 -18.59
C PHE B 307 12.24 4.35 -18.17
N GLU B 308 11.70 3.37 -18.90
CA GLU B 308 12.10 1.98 -18.71
C GLU B 308 13.61 1.82 -18.89
N GLU B 309 14.17 2.42 -19.94
CA GLU B 309 15.62 2.60 -20.06
C GLU B 309 16.30 3.24 -18.87
N ALA B 310 15.79 4.39 -18.46
CA ALA B 310 16.39 5.13 -17.35
C ALA B 310 16.25 4.37 -16.04
N LYS B 311 15.30 3.42 -15.98
CA LYS B 311 15.09 2.64 -14.77
C LYS B 311 16.05 1.47 -14.66
N GLU B 312 16.43 0.91 -15.80
CA GLU B 312 17.33 -0.23 -15.81
C GLU B 312 18.79 0.19 -15.92
N LYS B 313 19.04 1.30 -16.63
CA LYS B 313 20.35 1.94 -16.52
C LYS B 313 20.59 2.58 -15.17
N MET B 314 19.53 2.74 -14.38
CA MET B 314 19.72 3.10 -12.97
C MET B 314 19.99 1.87 -12.11
N ARG B 315 19.28 0.77 -12.39
CA ARG B 315 19.35 -0.40 -11.54
C ARG B 315 20.71 -1.08 -11.72
N ASP B 316 21.33 -0.84 -12.88
CA ASP B 316 22.68 -1.33 -13.15
C ASP B 316 23.68 -0.54 -12.33
N PHE B 317 23.44 0.77 -12.23
CA PHE B 317 24.30 1.66 -11.46
C PHE B 317 24.30 1.26 -9.99
N ALA B 318 23.17 0.71 -9.53
CA ALA B 318 22.99 0.27 -8.15
C ALA B 318 23.99 -0.82 -7.76
N LYS B 319 24.28 -1.71 -8.69
CA LYS B 319 25.22 -2.79 -8.44
C LYS B 319 26.62 -2.25 -8.12
N SER B 320 27.03 -1.21 -8.83
CA SER B 320 28.34 -0.59 -8.60
C SER B 320 28.43 0.11 -7.24
N ILE B 321 27.30 0.53 -6.70
CA ILE B 321 27.24 1.20 -5.41
C ILE B 321 27.73 0.27 -4.32
N THR B 322 28.50 0.81 -3.37
CA THR B 322 29.05 -0.01 -2.32
C THR B 322 28.17 -0.15 -1.07
N ARG B 323 27.69 -1.37 -0.83
CA ARG B 323 26.93 -1.67 0.38
C ARG B 323 26.95 -3.19 0.61
N PRO B 324 26.65 -3.63 1.84
CA PRO B 324 26.71 -5.06 2.17
C PRO B 324 25.44 -5.82 1.81
N PHE B 325 24.47 -5.11 1.25
CA PHE B 325 23.18 -5.69 0.94
C PHE B 325 22.59 -5.13 -0.33
N SER B 326 21.57 -5.80 -0.84
CA SER B 326 20.70 -5.21 -1.85
C SER B 326 19.36 -4.91 -1.21
N VAL B 327 18.56 -4.04 -1.82
CA VAL B 327 17.27 -3.70 -1.23
C VAL B 327 16.07 -4.07 -2.09
N TYR B 328 15.06 -4.66 -1.47
CA TYR B 328 13.78 -4.96 -2.12
C TYR B 328 12.69 -4.17 -1.40
N PHE B 329 11.82 -3.52 -2.15
CA PHE B 329 10.77 -2.71 -1.53
C PHE B 329 9.46 -3.48 -1.39
N ASN B 330 8.92 -3.51 -0.17
CA ASN B 330 7.66 -4.19 0.12
C ASN B 330 6.51 -3.19 0.15
N PRO B 331 5.74 -3.12 -0.95
CA PRO B 331 4.65 -2.14 -1.09
C PRO B 331 3.44 -2.46 -0.22
N TYR B 332 3.34 -3.69 0.26
CA TYR B 332 2.22 -4.11 1.09
C TYR B 332 2.36 -3.56 2.50
N THR B 333 3.56 -3.66 3.05
CA THR B 333 3.85 -3.18 4.40
C THR B 333 4.52 -1.81 4.36
N GLN B 334 4.79 -1.32 3.16
CA GLN B 334 5.47 -0.03 2.94
C GLN B 334 6.77 0.04 3.72
N SER B 335 7.59 -0.98 3.56
CA SER B 335 8.87 -1.08 4.27
C SER B 335 9.97 -1.55 3.34
N ILE B 336 11.20 -1.56 3.84
CA ILE B 336 12.34 -2.01 3.05
C ILE B 336 12.83 -3.37 3.49
N GLU B 337 12.91 -4.31 2.56
CA GLU B 337 13.52 -5.61 2.83
C GLU B 337 15.01 -5.57 2.52
N ILE B 338 15.82 -6.13 3.44
CA ILE B 338 17.26 -6.24 3.24
C ILE B 338 17.67 -7.64 2.80
N LEU B 339 18.20 -7.74 1.59
CA LEU B 339 18.62 -9.03 1.02
C LEU B 339 20.08 -9.34 1.32
N LYS B 340 20.34 -9.95 2.47
CA LYS B 340 21.71 -10.30 2.84
C LYS B 340 21.88 -11.79 3.13
N ASP B 341 20.80 -12.55 3.01
CA ASP B 341 20.85 -13.99 3.24
C ASP B 341 20.07 -14.74 2.17
N THR B 342 20.12 -16.06 2.22
CA THR B 342 19.41 -16.88 1.23
C THR B 342 17.92 -16.91 1.52
N ARG B 343 17.57 -16.70 2.79
CA ARG B 343 16.17 -16.76 3.20
C ARG B 343 15.37 -15.65 2.54
N SER B 344 15.90 -14.43 2.62
CA SER B 344 15.23 -13.28 2.04
C SER B 344 15.22 -13.36 0.54
N ILE B 345 16.32 -13.82 -0.03
CA ILE B 345 16.43 -13.94 -1.49
C ILE B 345 15.43 -14.97 -2.03
N GLU B 346 15.32 -16.12 -1.38
CA GLU B 346 14.37 -17.13 -1.84
C GLU B 346 12.91 -16.62 -1.87
N ASN B 347 12.48 -15.94 -0.82
CA ASN B 347 11.08 -15.49 -0.77
C ASN B 347 10.76 -14.52 -1.89
N VAL B 348 11.77 -13.77 -2.33
CA VAL B 348 11.59 -12.92 -3.47
C VAL B 348 11.36 -13.80 -4.68
N VAL B 349 12.24 -14.80 -4.85
CA VAL B 349 12.16 -15.69 -5.99
C VAL B 349 10.84 -16.47 -6.02
N GLN B 350 10.42 -16.98 -4.86
CA GLN B 350 9.14 -17.69 -4.78
C GLN B 350 7.98 -16.80 -5.19
N ASP B 351 7.97 -15.58 -4.68
CA ASP B 351 6.98 -14.60 -5.08
C ASP B 351 6.98 -14.42 -6.59
N LEU B 352 8.17 -14.29 -7.18
CA LEU B 352 8.31 -14.11 -8.61
C LEU B 352 7.79 -15.32 -9.37
N ARG B 353 7.91 -16.51 -8.76
CA ARG B 353 7.34 -17.70 -9.35
C ARG B 353 5.82 -17.60 -9.45
N SER B 354 5.18 -17.22 -8.35
CA SER B 354 3.73 -17.08 -8.33
C SER B 354 3.26 -16.05 -9.34
N ASP B 355 3.99 -14.95 -9.45
CA ASP B 355 3.61 -13.90 -10.38
C ASP B 355 3.66 -14.40 -11.81
N LEU B 356 4.59 -15.31 -12.08
CA LEU B 356 4.71 -15.92 -13.40
C LEU B 356 3.54 -16.85 -13.70
N ASN B 357 3.04 -17.53 -12.66
CA ASN B 357 1.87 -18.37 -12.82
C ASN B 357 0.66 -17.54 -13.23
N THR B 358 0.61 -16.30 -12.75
CA THR B 358 -0.48 -15.40 -13.13
C THR B 358 -0.34 -15.04 -14.60
N VAL B 359 0.90 -14.86 -15.04
CA VAL B 359 1.20 -14.61 -16.44
C VAL B 359 0.71 -15.79 -17.29
N CYS B 360 0.95 -17.00 -16.80
CA CYS B 360 0.47 -18.18 -17.50
C CYS B 360 -1.05 -18.20 -17.58
N ASP B 361 -1.71 -17.91 -16.47
CA ASP B 361 -3.17 -17.88 -16.42
C ASP B 361 -3.70 -16.91 -17.47
N ALA B 362 -3.07 -15.73 -17.56
CA ALA B 362 -3.51 -14.72 -18.53
C ALA B 362 -3.41 -15.22 -19.95
N LEU B 363 -2.33 -15.94 -20.25
CA LEU B 363 -2.09 -16.47 -21.58
C LEU B 363 -3.06 -17.59 -21.95
N ASN B 364 -3.35 -18.47 -21.00
CA ASN B 364 -4.39 -19.49 -21.19
C ASN B 364 -5.71 -18.87 -21.58
N LYS B 365 -6.18 -17.94 -20.76
CA LYS B 365 -7.46 -17.29 -20.95
C LYS B 365 -7.49 -16.59 -22.30
N MET B 366 -6.35 -16.04 -22.70
CA MET B 366 -6.24 -15.29 -23.94
C MET B 366 -6.42 -16.22 -25.13
N ASN B 367 -5.84 -17.40 -25.04
CA ASN B 367 -6.07 -18.43 -26.05
C ASN B 367 -7.50 -18.95 -25.96
N GLN B 368 -7.94 -19.20 -24.73
CA GLN B 368 -9.27 -19.71 -24.46
C GLN B 368 -10.38 -18.88 -25.11
N TYR B 369 -10.21 -17.56 -25.13
CA TYR B 369 -11.26 -16.68 -25.64
C TYR B 369 -11.03 -16.21 -27.08
N LEU B 370 -9.79 -16.24 -27.55
CA LEU B 370 -9.48 -15.73 -28.88
C LEU B 370 -8.83 -16.75 -29.81
N GLY B 371 -8.48 -17.91 -29.27
CA GLY B 371 -7.83 -18.94 -30.07
C GLY B 371 -6.51 -18.46 -30.63
N ILE B 372 -5.76 -17.76 -29.79
CA ILE B 372 -4.54 -17.09 -30.24
C ILE B 372 -3.37 -17.24 -29.28
FE FE C . -14.61 -15.62 10.87
C4 JCR D . -18.61 -14.63 5.66
C5 JCR D . -19.01 -13.39 5.98
C6 JCR D . -19.81 -12.70 5.16
C8 JCR D . -17.76 -14.13 7.54
N1 JCR D . -20.23 -13.28 3.96
N3 JCR D . -19.00 -15.21 4.50
CAI JCR D . -20.55 -12.95 8.89
CAE JCR D . -21.71 -12.91 9.65
CAD JCR D . -22.08 -11.74 10.29
CAF JCR D . -21.29 -10.60 10.17
CAJ JCR D . -20.12 -10.64 9.41
CAT JCR D . -19.75 -11.81 8.77
CAO JCR D . -18.58 -11.84 8.01
N7 JCR D . -18.48 -13.09 7.17
O6 JCR D . -20.19 -11.57 5.43
C2 JCR D . -19.80 -14.56 3.64
O2 JCR D . -20.16 -15.09 2.59
CAM JCR D . -18.55 -16.58 4.16
CAA JCR D . -17.37 -16.52 3.19
N9 JCR D . -17.84 -15.09 6.63
CAN JCR D . -16.97 -14.21 8.86
CAU JCR D . -17.40 -15.46 9.62
NAP JCR D . -16.74 -16.00 10.65
CAY JCR D . -17.44 -17.07 11.03
CAK JCR D . -17.21 -17.95 12.00
CAG JCR D . -18.08 -19.00 12.22
CAH JCR D . -19.20 -19.12 11.40
CAL JCR D . -19.38 -18.17 10.40
CAZ JCR D . -18.51 -17.17 10.24
NAS JCR D . -18.49 -16.17 9.36
FE FE E . 12.53 20.23 -7.98
C4 JCR F . 17.18 18.67 -3.41
C5 JCR F . 16.41 18.95 -2.34
C6 JCR F . 16.83 18.64 -1.10
C8 JCR F . 15.40 19.60 -4.10
N1 JCR F . 18.06 18.02 -0.93
N3 JCR F . 18.38 18.07 -3.26
CAI JCR F . 15.40 22.10 -2.06
CAE JCR F . 15.62 23.39 -1.59
CAD JCR F . 14.76 23.93 -0.64
CAF JCR F . 13.68 23.18 -0.17
CAJ JCR F . 13.47 21.90 -0.65
CAT JCR F . 14.32 21.35 -1.59
CAO JCR F . 14.10 20.05 -2.05
N7 JCR F . 15.30 19.53 -2.78
O6 JCR F . 16.14 18.89 -0.11
C2 JCR F . 18.85 17.75 -2.05
O2 JCR F . 19.94 17.21 -1.93
CAM JCR F . 19.21 17.79 -4.46
CAA JCR F . 19.01 16.34 -4.92
N9 JCR F . 16.55 19.08 -4.50
CAN JCR F . 14.32 20.20 -5.00
CAU JCR F . 14.94 21.08 -6.09
NAP JCR F . 14.30 21.48 -7.17
CAY JCR F . 15.16 22.23 -7.87
CAK JCR F . 15.01 22.85 -9.04
CAG JCR F . 16.06 23.59 -9.57
CAH JCR F . 17.25 23.64 -8.87
CAL JCR F . 17.35 22.97 -7.67
CAZ JCR F . 16.32 22.27 -7.19
NAS JCR F . 16.18 21.57 -6.07
#